data_9UJJ
#
_entry.id   9UJJ
#
_cell.length_a   324.477
_cell.length_b   72.101
_cell.length_c   92.679
_cell.angle_alpha   90.000
_cell.angle_beta   103.294
_cell.angle_gamma   90.000
#
_symmetry.space_group_name_H-M   'C 1 2 1'
#
loop_
_entity.id
_entity.type
_entity.pdbx_description
1 polymer 'Kelch-like ECH-associated protein 1'
2 non-polymer 'methyl (4aS,6aR,6bS,8aR,12aS,14aR,14bS)-11-cyano-2,2,6a,6b,9,9,12a-heptamethyl-10,14-bis(oxidanylidene)-1,3,4,5,6,7,8,8a,14a,14b-decahydropicene-4a-carboxylate'
#
_entity_poly.entity_id   1
_entity_poly.type   'polypeptide(L)'
_entity_poly.pdbx_seq_one_letter_code
;RTFSYTLEDHTKQAFGVMNELRLSQQLCDVTLQVKYEDIPAAQFMAHKVVLASSSPVFKAMFTNGLREQGMEVVSIEGIH
PKVMERLIEFAYTASISVGEKCVLHVMNGAVMYQIDSVVRACADFLVQQL
;
_entity_poly.pdbx_strand_id   A,B,C,D,E,F,G,H
#
loop_
_chem_comp.id
_chem_comp.type
_chem_comp.name
_chem_comp.formula
A1L9B non-polymer 'methyl (4aS,6aR,6bS,8aR,12aS,14aR,14bS)-11-cyano-2,2,6a,6b,9,9,12a-heptamethyl-10,14-bis(oxidanylidene)-1,3,4,5,6,7,8,8a,14a,14b-decahydropicene-4a-carboxylate' 'C32 H43 N O4'
#
# COMPACT_ATOMS: atom_id res chain seq x y z
N ARG A 1 -8.49 -13.57 25.96
CA ARG A 1 -7.21 -14.26 25.70
C ARG A 1 -7.32 -15.20 24.50
N THR A 2 -6.26 -15.98 24.26
CA THR A 2 -6.22 -16.97 23.18
C THR A 2 -5.98 -18.35 23.75
N PHE A 3 -6.80 -19.30 23.30
CA PHE A 3 -6.59 -20.72 23.60
C PHE A 3 -5.56 -21.31 22.63
N SER A 4 -4.50 -21.89 23.18
CA SER A 4 -3.42 -22.42 22.35
C SER A 4 -3.14 -23.88 22.72
N TYR A 5 -2.75 -24.67 21.72
CA TYR A 5 -2.54 -26.11 21.88
C TYR A 5 -1.43 -26.58 20.97
N THR A 6 -0.50 -27.37 21.52
CA THR A 6 0.56 -28.00 20.73
C THR A 6 0.63 -29.46 21.14
N LEU A 7 1.11 -30.30 20.21
CA LEU A 7 1.08 -31.76 20.32
C LEU A 7 2.46 -32.26 19.87
N GLU A 8 3.43 -32.27 20.78
CA GLU A 8 4.83 -32.44 20.36
C GLU A 8 5.00 -33.66 19.49
N ASP A 9 4.24 -34.71 19.80
CA ASP A 9 4.34 -36.01 19.13
C ASP A 9 4.07 -35.90 17.63
N HIS A 10 3.33 -34.86 17.21
CA HIS A 10 2.74 -34.84 15.87
C HIS A 10 3.79 -35.00 14.79
N THR A 11 4.94 -34.36 14.96
CA THR A 11 6.01 -34.43 13.96
C THR A 11 6.56 -35.85 13.82
N LYS A 12 6.75 -36.55 14.95
CA LYS A 12 7.12 -37.97 14.91
C LYS A 12 6.01 -38.77 14.25
N GLN A 13 4.77 -38.54 14.70
CA GLN A 13 3.64 -39.34 14.23
C GLN A 13 3.38 -39.11 12.75
N ALA A 14 3.34 -37.86 12.31
CA ALA A 14 3.00 -37.61 10.92
C ALA A 14 4.03 -38.24 10.00
N PHE A 15 5.32 -38.13 10.35
CA PHE A 15 6.35 -38.67 9.47
C PHE A 15 6.27 -40.17 9.35
N GLY A 16 5.94 -40.86 10.44
CA GLY A 16 5.66 -42.27 10.32
C GLY A 16 4.58 -42.55 9.28
N VAL A 17 3.52 -41.73 9.26
CA VAL A 17 2.42 -41.93 8.31
C VAL A 17 2.90 -41.75 6.89
N MET A 18 3.82 -40.81 6.68
CA MET A 18 4.32 -40.59 5.33
C MET A 18 5.26 -41.71 4.92
N ASN A 19 6.08 -42.20 5.87
CA ASN A 19 6.90 -43.38 5.57
C ASN A 19 6.03 -44.58 5.25
N GLU A 20 4.92 -44.73 5.95
CA GLU A 20 3.91 -45.69 5.53
C GLU A 20 3.46 -45.38 4.10
N LEU A 21 2.88 -44.21 3.88
CA LEU A 21 2.46 -43.84 2.53
C LEU A 21 3.57 -44.03 1.51
N ARG A 22 4.83 -43.82 1.93
CA ARG A 22 5.95 -44.11 1.03
C ARG A 22 6.01 -45.59 0.73
N LEU A 23 6.04 -46.41 1.79
CA LEU A 23 6.27 -47.84 1.66
C LEU A 23 5.14 -48.51 0.89
N SER A 24 4.01 -47.83 0.72
CA SER A 24 2.91 -48.38 -0.04
C SER A 24 2.82 -47.81 -1.44
N GLN A 25 3.73 -46.93 -1.82
CA GLN A 25 3.73 -46.30 -3.14
C GLN A 25 2.39 -45.59 -3.36
N GLN A 26 1.96 -44.86 -2.34
CA GLN A 26 0.61 -44.27 -2.31
C GLN A 26 0.58 -42.87 -2.94
N LEU A 27 1.19 -41.90 -2.26
CA LEU A 27 1.28 -40.56 -2.83
C LEU A 27 2.68 -40.23 -3.32
N CYS A 28 3.41 -41.24 -3.78
CA CYS A 28 4.75 -40.99 -4.28
C CYS A 28 4.72 -40.24 -5.62
N ASP A 29 5.33 -39.07 -5.64
CA ASP A 29 5.25 -38.28 -6.85
C ASP A 29 6.53 -38.31 -7.68
N VAL A 30 7.59 -38.95 -7.19
CA VAL A 30 8.87 -38.98 -7.91
C VAL A 30 9.43 -40.40 -7.83
N THR A 31 10.17 -40.80 -8.88
CA THR A 31 10.88 -42.10 -8.90
C THR A 31 12.34 -41.89 -9.27
N LEU A 32 13.24 -42.24 -8.36
CA LEU A 32 14.68 -42.06 -8.51
C LEU A 32 15.33 -43.28 -9.17
N GLN A 33 15.59 -43.22 -10.47
CA GLN A 33 16.24 -44.34 -11.17
C GLN A 33 17.74 -44.29 -10.87
N VAL A 34 18.15 -44.92 -9.77
CA VAL A 34 19.54 -44.80 -9.34
C VAL A 34 20.40 -45.78 -10.14
N LYS A 35 21.27 -45.22 -10.99
CA LYS A 35 22.04 -45.96 -11.98
C LYS A 35 23.52 -45.83 -11.59
N TYR A 36 23.99 -46.78 -10.79
CA TYR A 36 25.38 -46.80 -10.29
C TYR A 36 26.11 -48.01 -10.86
N GLU A 37 27.33 -47.79 -11.32
CA GLU A 37 28.23 -48.79 -11.94
C GLU A 37 27.49 -49.54 -13.04
N ASP A 38 27.71 -50.85 -13.08
CA ASP A 38 26.99 -51.73 -13.98
C ASP A 38 25.74 -52.33 -13.33
N ILE A 39 25.44 -51.94 -12.10
CA ILE A 39 24.16 -52.35 -11.49
C ILE A 39 23.02 -51.69 -12.26
N PRO A 40 22.02 -52.45 -12.71
CA PRO A 40 20.93 -51.86 -13.50
C PRO A 40 20.12 -50.83 -12.72
N ALA A 41 19.19 -50.19 -13.43
CA ALA A 41 18.34 -49.18 -12.83
C ALA A 41 17.60 -49.74 -11.61
N ALA A 42 17.72 -49.02 -10.50
CA ALA A 42 17.01 -49.34 -9.26
C ALA A 42 16.01 -48.23 -8.99
N GLN A 43 14.74 -48.59 -8.91
CA GLN A 43 13.69 -47.60 -8.69
C GLN A 43 13.54 -47.28 -7.21
N PHE A 44 13.55 -46.02 -6.87
CA PHE A 44 13.10 -45.60 -5.54
C PHE A 44 11.93 -44.66 -5.74
N MET A 45 10.83 -44.92 -5.06
CA MET A 45 9.64 -44.12 -5.22
C MET A 45 9.43 -43.39 -3.91
N ALA A 46 9.13 -42.10 -4.00
CA ALA A 46 9.12 -41.21 -2.85
C ALA A 46 8.25 -40.01 -3.20
N HIS A 47 8.15 -39.11 -2.23
CA HIS A 47 7.42 -37.85 -2.41
C HIS A 47 8.43 -36.71 -2.42
N LYS A 48 8.42 -35.91 -3.49
CA LYS A 48 9.36 -34.81 -3.60
C LYS A 48 9.42 -34.01 -2.32
N VAL A 49 8.25 -33.77 -1.73
CA VAL A 49 8.13 -32.90 -0.56
C VAL A 49 8.97 -33.42 0.60
N VAL A 50 8.85 -34.70 0.93
CA VAL A 50 9.62 -35.24 2.04
C VAL A 50 11.10 -35.28 1.70
N LEU A 51 11.42 -35.62 0.46
CA LEU A 51 12.80 -35.53 0.02
C LEU A 51 13.32 -34.11 0.18
N ALA A 52 12.52 -33.12 -0.25
CA ALA A 52 12.93 -31.73 -0.17
C ALA A 52 13.07 -31.27 1.28
N SER A 53 12.33 -31.89 2.22
CA SER A 53 12.36 -31.47 3.62
C SER A 53 13.65 -31.91 4.31
N SER A 54 14.32 -32.94 3.78
CA SER A 54 15.48 -33.52 4.45
C SER A 54 16.79 -33.15 3.76
N SER A 55 16.78 -32.92 2.44
CA SER A 55 17.98 -32.71 1.66
C SER A 55 17.92 -31.37 0.94
N PRO A 56 18.79 -30.42 1.28
CA PRO A 56 18.88 -29.18 0.50
C PRO A 56 19.07 -29.42 -0.97
N VAL A 57 19.86 -30.44 -1.32
CA VAL A 57 20.14 -30.79 -2.70
C VAL A 57 18.87 -31.24 -3.42
N PHE A 58 17.97 -31.91 -2.70
CA PHE A 58 16.76 -32.45 -3.31
C PHE A 58 15.75 -31.36 -3.57
N LYS A 59 15.45 -30.55 -2.55
CA LYS A 59 14.63 -29.37 -2.74
C LYS A 59 15.10 -28.61 -3.97
N ALA A 60 16.43 -28.48 -4.12
CA ALA A 60 16.99 -27.78 -5.26
C ALA A 60 16.62 -28.47 -6.56
N MET A 61 16.72 -29.80 -6.61
CA MET A 61 16.34 -30.50 -7.83
C MET A 61 14.90 -30.20 -8.21
N PHE A 62 13.98 -30.31 -7.26
CA PHE A 62 12.56 -30.19 -7.56
C PHE A 62 12.14 -28.73 -7.75
N THR A 63 12.49 -27.85 -6.82
CA THR A 63 12.12 -26.45 -7.07
C THR A 63 12.99 -25.79 -8.19
N ASN A 64 13.70 -26.58 -9.00
CA ASN A 64 14.45 -26.11 -10.17
C ASN A 64 13.54 -25.83 -11.35
N GLY A 65 12.38 -25.21 -11.11
CA GLY A 65 11.36 -25.09 -12.13
C GLY A 65 11.23 -26.33 -12.99
N LEU A 66 11.07 -27.49 -12.35
CA LEU A 66 10.76 -28.68 -13.13
C LEU A 66 9.46 -28.49 -13.89
N ARG A 67 8.50 -27.79 -13.29
CA ARG A 67 7.18 -27.47 -13.86
C ARG A 67 6.39 -28.74 -14.22
N GLU A 68 6.79 -29.90 -13.68
CA GLU A 68 6.23 -31.18 -14.09
C GLU A 68 5.47 -31.82 -12.92
N GLN A 69 4.18 -31.50 -12.78
CA GLN A 69 3.39 -31.97 -11.64
C GLN A 69 3.11 -33.47 -11.67
N GLY A 70 3.13 -34.10 -12.85
CA GLY A 70 2.93 -35.53 -12.94
C GLY A 70 4.02 -36.29 -12.19
N MET A 71 4.05 -37.59 -12.45
CA MET A 71 5.12 -38.44 -11.89
C MET A 71 6.43 -38.19 -12.64
N GLU A 72 7.45 -37.79 -11.91
CA GLU A 72 8.76 -37.51 -12.48
C GLU A 72 9.66 -38.73 -12.37
N VAL A 73 10.48 -38.96 -13.40
CA VAL A 73 11.57 -39.93 -13.34
C VAL A 73 12.86 -39.13 -13.26
N VAL A 74 13.82 -39.62 -12.47
CA VAL A 74 15.02 -38.85 -12.13
C VAL A 74 16.20 -39.82 -12.08
N SER A 75 17.10 -39.74 -13.07
CA SER A 75 18.24 -40.67 -13.11
C SER A 75 19.35 -40.18 -12.19
N ILE A 76 19.94 -41.11 -11.43
CA ILE A 76 20.83 -40.77 -10.32
C ILE A 76 22.14 -41.52 -10.49
N GLU A 77 23.23 -40.78 -10.70
CA GLU A 77 24.57 -41.34 -10.85
C GLU A 77 25.45 -40.96 -9.67
N GLY A 78 26.37 -41.85 -9.31
CA GLY A 78 27.35 -41.58 -8.29
C GLY A 78 27.02 -42.10 -6.90
N ILE A 79 25.85 -42.72 -6.72
CA ILE A 79 25.43 -43.25 -5.42
C ILE A 79 24.98 -44.68 -5.65
N HIS A 80 25.48 -45.60 -4.84
CA HIS A 80 25.03 -46.97 -4.92
C HIS A 80 23.55 -47.07 -4.57
N PRO A 81 22.78 -47.92 -5.26
CA PRO A 81 21.35 -48.04 -4.93
C PRO A 81 21.11 -48.29 -3.46
N LYS A 82 22.03 -48.98 -2.79
CA LYS A 82 21.81 -49.27 -1.39
C LYS A 82 22.27 -48.14 -0.49
N VAL A 83 23.18 -47.29 -0.94
CA VAL A 83 23.45 -46.09 -0.16
C VAL A 83 22.26 -45.15 -0.29
N MET A 84 21.74 -44.98 -1.51
CA MET A 84 20.56 -44.14 -1.69
C MET A 84 19.45 -44.55 -0.73
N GLU A 85 19.22 -45.86 -0.63
CA GLU A 85 18.18 -46.37 0.25
C GLU A 85 18.42 -45.96 1.71
N ARG A 86 19.68 -45.94 2.15
CA ARG A 86 19.91 -45.71 3.56
C ARG A 86 19.54 -44.28 3.94
N LEU A 87 19.67 -43.36 2.99
CA LEU A 87 19.33 -41.95 3.18
C LEU A 87 17.82 -41.73 3.11
N ILE A 88 17.17 -42.20 2.03
CA ILE A 88 15.72 -42.19 1.92
C ILE A 88 15.11 -42.62 3.24
N GLU A 89 15.75 -43.58 3.91
CA GLU A 89 15.34 -43.99 5.26
C GLU A 89 15.50 -42.84 6.26
N PHE A 90 16.69 -42.23 6.28
CA PHE A 90 16.87 -41.11 7.19
C PHE A 90 15.77 -40.10 6.95
N ALA A 91 15.46 -39.83 5.68
CA ALA A 91 14.43 -38.86 5.33
C ALA A 91 13.12 -39.12 6.06
N TYR A 92 12.67 -40.36 6.10
CA TYR A 92 11.39 -40.67 6.73
C TYR A 92 11.52 -41.19 8.16
N THR A 93 12.55 -41.96 8.47
CA THR A 93 12.62 -42.47 9.83
C THR A 93 13.27 -41.48 10.78
N ALA A 94 14.15 -40.61 10.28
CA ALA A 94 15.04 -39.73 11.06
C ALA A 94 16.21 -40.49 11.66
N SER A 95 16.57 -41.62 11.08
CA SER A 95 17.60 -42.45 11.64
C SER A 95 18.20 -43.29 10.52
N ILE A 96 19.33 -43.89 10.82
CA ILE A 96 20.07 -44.62 9.81
C ILE A 96 21.09 -45.48 10.53
N SER A 97 21.35 -46.68 9.99
CA SER A 97 22.35 -47.55 10.58
C SER A 97 22.98 -48.42 9.52
N VAL A 98 24.31 -48.48 9.54
CA VAL A 98 25.08 -49.27 8.59
C VAL A 98 26.34 -49.77 9.30
N GLY A 99 26.88 -50.88 8.80
CA GLY A 99 28.15 -51.34 9.30
C GLY A 99 29.28 -50.39 8.93
N GLU A 100 30.39 -50.50 9.66
CA GLU A 100 31.54 -49.63 9.42
C GLU A 100 32.07 -49.78 7.99
N LYS A 101 31.80 -50.93 7.34
CA LYS A 101 32.21 -51.16 5.96
C LYS A 101 31.79 -50.03 5.03
N CYS A 102 30.61 -49.47 5.28
CA CYS A 102 30.02 -48.45 4.42
C CYS A 102 29.88 -47.09 5.08
N VAL A 103 30.26 -46.95 6.36
CA VAL A 103 30.13 -45.68 7.08
C VAL A 103 30.70 -44.54 6.24
N LEU A 104 31.87 -44.77 5.62
CA LEU A 104 32.41 -43.76 4.73
C LEU A 104 31.60 -43.63 3.44
N HIS A 105 31.18 -44.75 2.85
CA HIS A 105 30.46 -44.69 1.57
C HIS A 105 29.08 -44.06 1.72
N VAL A 106 28.42 -44.31 2.85
CA VAL A 106 27.15 -43.65 3.13
C VAL A 106 27.39 -42.18 3.43
N MET A 107 28.51 -41.87 4.08
CA MET A 107 28.87 -40.48 4.32
C MET A 107 28.98 -39.70 3.03
N ASN A 108 29.49 -40.33 1.97
CA ASN A 108 29.61 -39.65 0.67
C ASN A 108 28.24 -39.27 0.12
N GLY A 109 27.28 -40.19 0.17
CA GLY A 109 25.93 -39.84 -0.27
C GLY A 109 25.34 -38.70 0.54
N ALA A 110 25.49 -38.75 1.86
CA ALA A 110 25.01 -37.69 2.72
C ALA A 110 25.67 -36.36 2.38
N VAL A 111 26.98 -36.41 2.09
CA VAL A 111 27.69 -35.26 1.55
C VAL A 111 27.13 -34.85 0.20
N MET A 112 26.85 -35.83 -0.67
CA MET A 112 26.30 -35.49 -1.98
C MET A 112 24.94 -34.81 -1.87
N TYR A 113 24.25 -34.98 -0.74
CA TYR A 113 22.90 -34.48 -0.61
C TYR A 113 22.76 -33.51 0.56
N GLN A 114 23.87 -33.01 1.07
CA GLN A 114 23.88 -31.95 2.08
C GLN A 114 23.07 -32.35 3.31
N ILE A 115 23.05 -33.64 3.62
CA ILE A 115 22.52 -34.09 4.89
C ILE A 115 23.64 -33.92 5.90
N ASP A 116 23.95 -32.66 6.24
CA ASP A 116 25.06 -32.36 7.14
C ASP A 116 24.94 -33.02 8.50
N SER A 117 23.80 -33.64 8.79
CA SER A 117 23.58 -34.24 10.11
C SER A 117 24.29 -35.59 10.22
N VAL A 118 24.07 -36.46 9.24
CA VAL A 118 24.75 -37.75 9.25
C VAL A 118 26.17 -37.60 8.73
N VAL A 119 26.43 -36.63 7.85
CA VAL A 119 27.79 -36.31 7.46
C VAL A 119 28.65 -36.12 8.71
N ARG A 120 28.18 -35.31 9.64
CA ARG A 120 28.86 -35.18 10.93
C ARG A 120 28.93 -36.51 11.67
N ALA A 121 27.78 -37.13 11.90
CA ALA A 121 27.73 -38.34 12.73
C ALA A 121 28.52 -39.48 12.09
N CYS A 122 28.48 -39.59 10.77
CA CYS A 122 29.40 -40.46 10.04
C CYS A 122 30.85 -40.14 10.39
N ALA A 123 31.23 -38.87 10.26
CA ALA A 123 32.61 -38.48 10.52
C ALA A 123 33.02 -38.80 11.96
N ASP A 124 32.21 -38.39 12.93
CA ASP A 124 32.55 -38.57 14.33
C ASP A 124 32.94 -40.02 14.63
N PHE A 125 32.06 -40.96 14.26
CA PHE A 125 32.32 -42.37 14.51
C PHE A 125 33.59 -42.83 13.80
N LEU A 126 33.81 -42.35 12.58
CA LEU A 126 35.08 -42.63 11.90
C LEU A 126 36.26 -42.20 12.75
N VAL A 127 36.16 -41.03 13.39
CA VAL A 127 37.25 -40.50 14.20
C VAL A 127 37.41 -41.31 15.48
N GLN A 128 36.30 -41.59 16.18
CA GLN A 128 36.34 -42.39 17.40
C GLN A 128 37.17 -43.64 17.16
N GLN A 129 36.94 -44.28 16.01
CA GLN A 129 37.63 -45.51 15.68
C GLN A 129 38.64 -45.22 14.57
N ARG B 1 -47.38 23.06 27.91
CA ARG B 1 -46.02 23.37 27.47
C ARG B 1 -45.40 22.32 26.50
N THR B 2 -44.07 22.31 26.42
CA THR B 2 -43.31 21.38 25.62
C THR B 2 -42.28 20.69 26.50
N PHE B 3 -42.01 19.43 26.19
CA PHE B 3 -41.01 18.65 26.91
C PHE B 3 -39.74 18.52 26.07
N SER B 4 -38.65 19.09 26.58
CA SER B 4 -37.33 18.78 26.08
C SER B 4 -36.46 18.33 27.23
N TYR B 5 -35.66 17.30 26.98
CA TYR B 5 -34.73 16.77 27.97
C TYR B 5 -33.37 16.61 27.32
N THR B 6 -32.31 16.87 28.08
CA THR B 6 -30.95 16.56 27.65
C THR B 6 -30.21 15.89 28.77
N LEU B 7 -29.72 14.69 28.50
CA LEU B 7 -28.90 13.95 29.43
C LEU B 7 -27.46 14.31 29.11
N GLU B 8 -26.88 15.15 29.96
CA GLU B 8 -25.54 15.66 29.70
C GLU B 8 -24.53 14.52 29.64
N ASP B 9 -24.67 13.55 30.54
CA ASP B 9 -23.67 12.49 30.63
C ASP B 9 -23.73 11.54 29.44
N HIS B 10 -24.95 11.26 28.94
CA HIS B 10 -25.28 10.17 28.01
C HIS B 10 -24.07 9.57 27.30
N THR B 11 -23.57 10.24 26.25
CA THR B 11 -22.49 9.68 25.45
C THR B 11 -21.36 9.10 26.31
N LYS B 12 -20.91 9.83 27.33
CA LYS B 12 -19.81 9.38 28.17
C LYS B 12 -20.14 8.07 28.88
N GLN B 13 -21.20 8.06 29.67
CA GLN B 13 -21.57 6.83 30.36
C GLN B 13 -21.94 5.75 29.35
N ALA B 14 -22.54 6.15 28.22
CA ALA B 14 -22.95 5.17 27.23
C ALA B 14 -21.75 4.55 26.53
N PHE B 15 -20.69 5.34 26.34
CA PHE B 15 -19.48 4.83 25.72
C PHE B 15 -18.70 3.94 26.65
N GLY B 16 -19.07 3.85 27.91
CA GLY B 16 -18.43 2.89 28.80
C GLY B 16 -19.06 1.54 28.57
N VAL B 17 -20.40 1.53 28.50
CA VAL B 17 -21.18 0.36 28.11
C VAL B 17 -20.64 -0.24 26.82
N MET B 18 -20.35 0.62 25.84
CA MET B 18 -19.78 0.14 24.59
C MET B 18 -18.38 -0.43 24.78
N ASN B 19 -17.58 0.17 25.67
CA ASN B 19 -16.27 -0.42 25.96
C ASN B 19 -16.46 -1.74 26.69
N GLU B 20 -17.48 -1.85 27.54
CA GLU B 20 -17.79 -3.13 28.17
C GLU B 20 -18.16 -4.16 27.12
N LEU B 21 -18.98 -3.77 26.13
CA LEU B 21 -19.42 -4.70 25.10
C LEU B 21 -18.24 -5.17 24.24
N ARG B 22 -17.29 -4.28 23.94
CA ARG B 22 -16.06 -4.72 23.27
C ARG B 22 -15.35 -5.77 24.12
N LEU B 23 -15.06 -5.43 25.37
CA LEU B 23 -14.18 -6.26 26.19
C LEU B 23 -14.79 -7.64 26.43
N SER B 24 -16.11 -7.74 26.46
CA SER B 24 -16.77 -9.04 26.51
C SER B 24 -17.06 -9.62 25.13
N GLN B 25 -16.63 -8.96 24.05
CA GLN B 25 -16.70 -9.54 22.70
C GLN B 25 -18.14 -9.80 22.25
N GLN B 26 -19.03 -8.88 22.60
CA GLN B 26 -20.45 -8.99 22.31
C GLN B 26 -20.88 -7.91 21.35
N LEU B 27 -21.67 -8.31 20.34
CA LEU B 27 -22.15 -7.42 19.29
C LEU B 27 -20.99 -6.89 18.43
N CYS B 28 -19.88 -7.64 18.39
CA CYS B 28 -18.75 -7.26 17.56
C CYS B 28 -18.94 -7.82 16.17
N ASP B 29 -18.51 -7.05 15.15
CA ASP B 29 -18.62 -7.49 13.76
C ASP B 29 -17.35 -7.38 12.95
N VAL B 30 -16.22 -7.05 13.57
CA VAL B 30 -14.92 -7.03 12.90
C VAL B 30 -13.88 -7.62 13.84
N THR B 31 -12.98 -8.44 13.27
CA THR B 31 -11.88 -9.04 13.99
C THR B 31 -10.56 -8.66 13.35
N LEU B 32 -9.76 -7.89 14.07
CA LEU B 32 -8.52 -7.32 13.57
C LEU B 32 -7.34 -8.23 13.93
N GLN B 33 -6.64 -8.75 12.92
CA GLN B 33 -5.44 -9.55 13.10
C GLN B 33 -4.21 -8.68 12.82
N VAL B 34 -3.43 -8.38 13.85
CA VAL B 34 -2.25 -7.51 13.74
C VAL B 34 -1.00 -8.38 13.72
N LYS B 35 -0.30 -8.42 12.58
CA LYS B 35 1.02 -9.05 12.49
C LYS B 35 2.07 -7.97 12.23
N TYR B 36 2.70 -7.50 13.31
CA TYR B 36 3.72 -6.48 13.16
C TYR B 36 4.88 -7.07 12.36
N GLU B 37 5.56 -8.08 12.91
CA GLU B 37 6.57 -8.79 12.13
C GLU B 37 6.99 -10.11 12.78
N ASP B 38 8.15 -10.11 13.45
CA ASP B 38 8.52 -11.21 14.34
C ASP B 38 7.78 -11.10 15.67
N ILE B 39 7.16 -9.95 15.92
CA ILE B 39 6.26 -9.75 17.06
C ILE B 39 5.02 -10.61 16.88
N PRO B 40 4.60 -11.38 17.87
CA PRO B 40 3.58 -12.42 17.64
C PRO B 40 2.21 -11.82 17.40
N ALA B 41 1.39 -12.56 16.64
CA ALA B 41 0.11 -12.04 16.19
C ALA B 41 -0.82 -11.77 17.37
N ALA B 42 -1.62 -10.72 17.23
CA ALA B 42 -2.57 -10.31 18.26
C ALA B 42 -3.89 -9.96 17.60
N GLN B 43 -4.97 -10.45 18.19
CA GLN B 43 -6.30 -10.30 17.61
C GLN B 43 -7.08 -9.30 18.44
N PHE B 44 -7.77 -8.38 17.77
CA PHE B 44 -8.63 -7.41 18.42
C PHE B 44 -9.96 -7.41 17.71
N MET B 45 -11.02 -7.68 18.46
CA MET B 45 -12.38 -7.56 17.94
C MET B 45 -13.05 -6.34 18.56
N ALA B 46 -14.01 -5.81 17.81
CA ALA B 46 -14.68 -4.57 18.17
C ALA B 46 -15.84 -4.39 17.20
N HIS B 47 -16.50 -3.24 17.31
CA HIS B 47 -17.69 -2.90 16.55
C HIS B 47 -17.33 -1.95 15.42
N LYS B 48 -18.07 -2.04 14.33
CA LYS B 48 -17.71 -1.21 13.19
C LYS B 48 -18.11 0.25 13.40
N VAL B 49 -19.21 0.53 14.09
CA VAL B 49 -19.59 1.93 14.19
C VAL B 49 -18.76 2.63 15.27
N VAL B 50 -18.20 1.89 16.22
CA VAL B 50 -17.43 2.53 17.29
C VAL B 50 -15.97 2.73 16.88
N LEU B 51 -15.45 1.89 15.97
CA LEU B 51 -14.20 2.24 15.31
C LEU B 51 -14.44 3.39 14.34
N ALA B 52 -15.39 3.22 13.41
CA ALA B 52 -15.68 4.25 12.41
C ALA B 52 -15.91 5.62 13.05
N SER B 53 -16.62 5.65 14.18
CA SER B 53 -16.85 6.91 14.89
C SER B 53 -15.53 7.61 15.22
N SER B 54 -14.49 6.85 15.61
CA SER B 54 -13.29 7.46 16.16
C SER B 54 -12.22 7.70 15.10
N SER B 55 -12.26 6.97 14.00
CA SER B 55 -11.19 7.07 13.00
C SER B 55 -11.78 7.01 11.61
N PRO B 56 -11.47 8.00 10.76
CA PRO B 56 -12.09 8.09 9.44
C PRO B 56 -11.59 7.05 8.46
N VAL B 57 -10.37 6.53 8.65
CA VAL B 57 -9.89 5.45 7.80
C VAL B 57 -10.71 4.18 8.04
N PHE B 58 -10.88 3.81 9.32
CA PHE B 58 -11.75 2.68 9.66
C PHE B 58 -13.14 2.89 9.07
N LYS B 59 -13.59 4.14 9.03
CA LYS B 59 -14.91 4.46 8.51
C LYS B 59 -15.00 4.17 7.01
N ALA B 60 -14.03 4.64 6.25
CA ALA B 60 -14.10 4.49 4.79
C ALA B 60 -13.69 3.11 4.35
N MET B 61 -13.28 2.27 5.30
CA MET B 61 -12.92 0.87 5.07
C MET B 61 -14.15 -0.02 5.23
N PHE B 62 -14.94 0.21 6.28
CA PHE B 62 -16.18 -0.57 6.45
C PHE B 62 -17.30 -0.03 5.57
N THR B 63 -17.25 1.26 5.23
CA THR B 63 -18.25 1.86 4.38
C THR B 63 -17.99 1.58 2.91
N ASN B 64 -16.76 1.12 2.58
CA ASN B 64 -16.42 0.70 1.22
C ASN B 64 -17.50 -0.16 0.59
N GLY B 65 -18.16 -1.00 1.38
CA GLY B 65 -19.14 -1.90 0.83
C GLY B 65 -18.60 -3.32 0.74
N LEU B 66 -18.00 -3.80 1.83
CA LEU B 66 -17.68 -5.22 1.93
C LEU B 66 -18.90 -6.06 1.62
N ARG B 67 -20.03 -5.72 2.25
CA ARG B 67 -21.31 -6.40 2.09
C ARG B 67 -21.26 -7.83 2.60
N GLU B 68 -20.32 -8.10 3.50
CA GLU B 68 -20.17 -9.41 4.14
C GLU B 68 -20.85 -9.39 5.51
N GLN B 69 -22.05 -9.93 5.57
CA GLN B 69 -22.71 -10.16 6.84
C GLN B 69 -21.78 -10.86 7.83
N GLY B 70 -20.71 -11.47 7.34
CA GLY B 70 -19.79 -12.14 8.23
C GLY B 70 -19.09 -11.12 9.13
N MET B 71 -18.78 -11.55 10.36
CA MET B 71 -17.84 -10.75 11.13
C MET B 71 -16.57 -10.56 10.32
N GLU B 72 -16.25 -9.31 10.03
CA GLU B 72 -15.08 -9.02 9.21
C GLU B 72 -13.82 -9.56 9.88
N VAL B 73 -12.90 -10.01 9.05
CA VAL B 73 -11.61 -10.51 9.46
C VAL B 73 -10.60 -9.71 8.65
N VAL B 74 -9.81 -8.89 9.33
CA VAL B 74 -9.05 -7.80 8.69
C VAL B 74 -7.56 -7.98 8.98
N SER B 75 -6.73 -7.69 7.99
CA SER B 75 -5.28 -7.76 8.16
C SER B 75 -4.76 -6.36 8.51
N ILE B 76 -4.42 -6.14 9.79
CA ILE B 76 -3.80 -4.89 10.19
C ILE B 76 -2.29 -4.99 10.10
N GLU B 77 -1.72 -4.70 8.92
CA GLU B 77 -0.28 -4.83 8.74
C GLU B 77 0.44 -3.61 9.24
N GLY B 78 1.67 -3.82 9.70
CA GLY B 78 2.60 -2.72 9.93
C GLY B 78 2.22 -1.82 11.08
N ILE B 79 1.56 -2.35 12.11
CA ILE B 79 1.38 -1.65 13.37
C ILE B 79 1.63 -2.63 14.50
N HIS B 80 2.55 -2.29 15.39
CA HIS B 80 2.72 -3.07 16.60
C HIS B 80 1.37 -3.16 17.30
N PRO B 81 0.89 -4.35 17.63
CA PRO B 81 -0.46 -4.45 18.19
C PRO B 81 -0.59 -3.73 19.51
N LYS B 82 0.50 -3.56 20.26
CA LYS B 82 0.40 -2.86 21.53
C LYS B 82 0.20 -1.36 21.32
N VAL B 83 0.77 -0.81 20.25
CA VAL B 83 0.42 0.55 19.86
C VAL B 83 -1.05 0.59 19.44
N MET B 84 -1.37 -0.13 18.36
CA MET B 84 -2.73 -0.37 17.90
C MET B 84 -3.72 -0.60 19.04
N GLU B 85 -3.29 -1.26 20.11
CA GLU B 85 -4.17 -1.46 21.27
C GLU B 85 -4.44 -0.15 22.01
N ARG B 86 -3.39 0.63 22.25
CA ARG B 86 -3.58 1.91 22.92
C ARG B 86 -4.57 2.76 22.13
N LEU B 87 -4.48 2.72 20.80
CA LEU B 87 -5.36 3.52 19.96
C LEU B 87 -6.76 2.92 19.86
N ILE B 88 -6.92 1.61 20.14
CA ILE B 88 -8.29 1.06 20.19
C ILE B 88 -8.92 1.37 21.55
N GLU B 89 -8.13 1.33 22.63
CA GLU B 89 -8.61 1.81 23.92
C GLU B 89 -9.10 3.24 23.79
N PHE B 90 -8.35 4.08 23.06
CA PHE B 90 -8.71 5.49 22.91
C PHE B 90 -10.12 5.65 22.32
N ALA B 91 -10.32 5.14 21.11
CA ALA B 91 -11.66 5.11 20.51
C ALA B 91 -12.75 4.83 21.51
N TYR B 92 -12.54 3.85 22.41
CA TYR B 92 -13.57 3.39 23.33
C TYR B 92 -13.51 4.04 24.70
N THR B 93 -12.33 4.52 25.14
CA THR B 93 -12.21 5.17 26.44
C THR B 93 -12.12 6.67 26.35
N ALA B 94 -11.90 7.22 25.16
CA ALA B 94 -11.68 8.64 24.89
C ALA B 94 -10.37 9.17 25.51
N SER B 95 -9.48 8.28 25.93
CA SER B 95 -8.20 8.69 26.50
C SER B 95 -7.12 7.65 26.15
N ILE B 96 -5.87 8.12 26.02
CA ILE B 96 -4.74 7.27 25.64
C ILE B 96 -3.52 7.69 26.43
N SER B 97 -2.70 6.72 26.83
CA SER B 97 -1.51 6.99 27.61
C SER B 97 -0.34 6.11 27.17
N VAL B 98 0.82 6.74 26.96
CA VAL B 98 2.05 6.03 26.64
C VAL B 98 3.22 6.81 27.22
N GLY B 99 4.26 6.09 27.63
CA GLY B 99 5.48 6.72 28.07
C GLY B 99 6.26 7.26 26.89
N GLU B 100 7.26 8.09 27.22
CA GLU B 100 7.94 8.91 26.22
C GLU B 100 8.39 8.08 25.02
N LYS B 101 8.79 6.83 25.26
CA LYS B 101 9.39 6.02 24.20
C LYS B 101 8.42 5.84 23.03
N CYS B 102 7.16 5.52 23.33
CA CYS B 102 6.21 5.15 22.29
C CYS B 102 5.47 6.34 21.70
N VAL B 103 5.62 7.53 22.28
CA VAL B 103 4.83 8.69 21.86
C VAL B 103 4.91 8.87 20.36
N LEU B 104 6.11 8.64 19.79
CA LEU B 104 6.25 8.71 18.34
C LEU B 104 5.65 7.48 17.66
N HIS B 105 5.86 6.30 18.23
CA HIS B 105 5.30 5.07 17.63
C HIS B 105 3.78 5.07 17.65
N VAL B 106 3.18 5.65 18.71
CA VAL B 106 1.74 5.82 18.75
C VAL B 106 1.29 6.93 17.81
N MET B 107 2.13 7.97 17.68
CA MET B 107 1.79 9.04 16.76
C MET B 107 1.73 8.53 15.33
N ASN B 108 2.74 7.75 14.92
CA ASN B 108 2.70 7.21 13.57
C ASN B 108 1.53 6.27 13.40
N GLY B 109 1.13 5.61 14.47
CA GLY B 109 -0.11 4.87 14.42
C GLY B 109 -1.26 5.81 14.14
N ALA B 110 -1.47 6.78 15.04
CA ALA B 110 -2.60 7.69 14.91
C ALA B 110 -2.64 8.34 13.51
N VAL B 111 -1.48 8.48 12.86
CA VAL B 111 -1.41 8.93 11.48
C VAL B 111 -1.85 7.83 10.52
N MET B 112 -1.64 6.56 10.89
CA MET B 112 -1.95 5.46 9.99
C MET B 112 -3.44 5.48 9.63
N TYR B 113 -4.29 5.77 10.60
CA TYR B 113 -5.71 5.75 10.28
C TYR B 113 -6.39 7.01 10.76
N GLN B 114 -5.59 8.06 10.89
CA GLN B 114 -6.04 9.44 10.74
C GLN B 114 -6.84 9.91 11.93
N ILE B 115 -6.39 9.53 13.11
CA ILE B 115 -7.01 10.02 14.34
C ILE B 115 -6.30 11.32 14.62
N ASP B 116 -6.64 12.34 13.81
CA ASP B 116 -5.89 13.59 13.79
C ASP B 116 -5.85 14.24 15.17
N SER B 117 -6.71 13.80 16.09
CA SER B 117 -6.72 14.42 17.41
C SER B 117 -5.53 13.96 18.25
N VAL B 118 -5.21 12.67 18.20
CA VAL B 118 -4.08 12.19 19.00
C VAL B 118 -2.76 12.38 18.24
N VAL B 119 -2.81 12.41 16.89
CA VAL B 119 -1.62 12.83 16.14
C VAL B 119 -1.09 14.12 16.74
N ARG B 120 -1.98 15.10 16.87
CA ARG B 120 -1.61 16.43 17.37
C ARG B 120 -1.26 16.39 18.86
N ALA B 121 -2.00 15.61 19.64
CA ALA B 121 -1.68 15.46 21.04
C ALA B 121 -0.24 14.99 21.25
N CYS B 122 0.18 14.00 20.44
CA CYS B 122 1.51 13.40 20.60
C CYS B 122 2.60 14.36 20.20
N ALA B 123 2.38 15.12 19.12
CA ALA B 123 3.37 16.09 18.65
C ALA B 123 3.59 17.19 19.67
N ASP B 124 2.50 17.69 20.25
CA ASP B 124 2.60 18.74 21.26
C ASP B 124 3.33 18.26 22.51
N PHE B 125 3.32 16.96 22.78
CA PHE B 125 4.11 16.43 23.89
C PHE B 125 5.60 16.40 23.56
N LEU B 126 5.95 16.01 22.33
CA LEU B 126 7.35 15.94 21.95
C LEU B 126 7.98 17.33 21.86
N VAL B 127 7.18 18.34 21.51
CA VAL B 127 7.70 19.71 21.43
C VAL B 127 8.14 20.19 22.81
N GLN B 128 7.26 20.04 23.80
CA GLN B 128 7.65 20.25 25.20
C GLN B 128 8.91 19.47 25.55
N GLN B 129 9.09 18.27 25.00
CA GLN B 129 10.24 17.43 25.30
C GLN B 129 11.58 18.02 24.81
N ARG C 1 9.26 11.56 30.94
CA ARG C 1 7.85 11.80 31.26
C ARG C 1 6.90 10.79 30.61
N THR C 2 5.70 10.63 31.20
CA THR C 2 4.67 9.71 30.73
C THR C 2 3.48 10.50 30.19
N PHE C 3 3.09 10.20 28.94
CA PHE C 3 2.12 10.99 28.19
C PHE C 3 0.72 10.47 28.45
N SER C 4 -0.23 11.39 28.65
CA SER C 4 -1.63 11.05 28.93
C SER C 4 -2.50 12.15 28.32
N TYR C 5 -3.34 11.79 27.36
CA TYR C 5 -4.22 12.74 26.70
C TYR C 5 -5.64 12.18 26.59
N THR C 6 -6.60 12.98 27.02
CA THR C 6 -8.01 12.61 26.95
C THR C 6 -8.78 13.76 26.29
N LEU C 7 -9.47 13.43 25.20
CA LEU C 7 -10.23 14.37 24.39
C LEU C 7 -11.68 14.34 24.88
N GLU C 8 -12.13 15.45 25.47
CA GLU C 8 -13.45 15.45 26.11
C GLU C 8 -14.57 15.46 25.08
N ASP C 9 -14.43 16.25 24.01
CA ASP C 9 -15.45 16.30 22.97
C ASP C 9 -15.64 14.97 22.24
N HIS C 10 -14.80 13.96 22.50
CA HIS C 10 -14.81 12.75 21.69
C HIS C 10 -16.12 12.00 21.85
N THR C 11 -16.50 11.72 23.10
CA THR C 11 -17.73 10.97 23.35
C THR C 11 -18.94 11.62 22.67
N LYS C 12 -18.92 12.96 22.51
CA LYS C 12 -20.00 13.67 21.84
C LYS C 12 -19.76 13.73 20.34
N GLN C 13 -18.58 14.18 19.93
CA GLN C 13 -18.23 14.13 18.52
C GLN C 13 -18.54 12.75 17.98
N ALA C 14 -17.92 11.72 18.57
CA ALA C 14 -18.02 10.38 18.02
C ALA C 14 -19.47 9.93 17.94
N PHE C 15 -20.27 10.24 18.96
CA PHE C 15 -21.69 9.89 18.90
C PHE C 15 -22.39 10.59 17.74
N GLY C 16 -22.07 11.87 17.53
CA GLY C 16 -22.58 12.53 16.35
C GLY C 16 -22.27 11.74 15.09
N VAL C 17 -21.03 11.27 14.97
CA VAL C 17 -20.63 10.42 13.85
C VAL C 17 -21.58 9.23 13.73
N MET C 18 -21.62 8.39 14.76
CA MET C 18 -22.57 7.30 14.79
C MET C 18 -23.97 7.80 14.47
N ASN C 19 -24.37 8.91 15.08
CA ASN C 19 -25.66 9.47 14.74
C ASN C 19 -25.76 9.78 13.25
N GLU C 20 -24.69 10.35 12.68
CA GLU C 20 -24.72 10.63 11.25
C GLU C 20 -24.93 9.36 10.46
N LEU C 21 -24.22 8.29 10.83
CA LEU C 21 -24.34 7.03 10.08
C LEU C 21 -25.74 6.41 10.19
N ARG C 22 -26.42 6.58 11.33
CA ARG C 22 -27.78 6.09 11.45
C ARG C 22 -28.66 6.67 10.35
N LEU C 23 -28.58 7.99 10.18
CA LEU C 23 -29.36 8.65 9.15
C LEU C 23 -28.91 8.23 7.75
N SER C 24 -27.62 7.90 7.60
CA SER C 24 -27.06 7.44 6.33
C SER C 24 -27.42 5.99 6.00
N GLN C 25 -28.13 5.29 6.90
CA GLN C 25 -28.43 3.87 6.69
C GLN C 25 -27.12 3.13 6.34
N GLN C 26 -26.20 3.14 7.31
CA GLN C 26 -24.86 2.57 7.12
C GLN C 26 -24.43 1.82 8.37
N LEU C 27 -23.90 0.62 8.17
CA LEU C 27 -23.37 -0.21 9.26
C LEU C 27 -24.44 -0.58 10.29
N CYS C 28 -25.69 -0.67 9.90
CA CYS C 28 -26.77 -0.85 10.86
C CYS C 28 -27.02 -2.34 11.12
N ASP C 29 -27.39 -2.67 12.36
CA ASP C 29 -27.62 -4.05 12.78
C ASP C 29 -29.09 -4.41 12.90
N VAL C 30 -29.91 -3.50 13.40
CA VAL C 30 -31.33 -3.75 13.59
C VAL C 30 -32.10 -2.93 12.57
N THR C 31 -33.16 -3.52 12.03
CA THR C 31 -34.26 -2.74 11.48
C THR C 31 -35.44 -3.01 12.39
N LEU C 32 -35.69 -2.08 13.33
CA LEU C 32 -36.84 -2.16 14.21
C LEU C 32 -38.08 -1.74 13.43
N GLN C 33 -39.03 -2.64 13.28
CA GLN C 33 -40.31 -2.30 12.69
C GLN C 33 -41.27 -2.01 13.83
N VAL C 34 -42.05 -0.94 13.70
CA VAL C 34 -43.05 -0.58 14.68
C VAL C 34 -44.42 -0.68 14.01
N LYS C 35 -45.27 -1.54 14.56
CA LYS C 35 -46.64 -1.69 14.08
C LYS C 35 -47.55 -1.32 15.24
N TYR C 36 -47.86 -0.03 15.33
CA TYR C 36 -48.83 0.45 16.31
C TYR C 36 -50.23 0.34 15.73
N GLU C 37 -51.22 0.20 16.63
CA GLU C 37 -52.59 -0.06 16.20
C GLU C 37 -53.05 1.00 15.20
N ASP C 38 -53.58 0.52 14.07
CA ASP C 38 -54.11 1.35 12.98
C ASP C 38 -53.03 2.13 12.25
N ILE C 39 -52.05 2.67 12.98
CA ILE C 39 -50.91 3.35 12.36
C ILE C 39 -50.18 2.37 11.45
N PRO C 40 -49.96 2.73 10.18
CA PRO C 40 -49.24 1.83 9.26
C PRO C 40 -47.85 1.47 9.79
N ALA C 41 -47.19 0.51 9.17
CA ALA C 41 -45.90 0.07 9.71
C ALA C 41 -44.84 1.14 9.49
N ALA C 42 -43.94 1.27 10.46
CA ALA C 42 -42.77 2.14 10.36
C ALA C 42 -41.52 1.34 10.70
N GLN C 43 -40.49 1.50 9.87
CA GLN C 43 -39.24 0.76 10.01
C GLN C 43 -38.13 1.73 10.41
N PHE C 44 -37.24 1.29 11.32
CA PHE C 44 -36.14 2.11 11.82
C PHE C 44 -34.86 1.26 11.84
N MET C 45 -33.80 1.75 11.17
CA MET C 45 -32.50 1.09 11.13
C MET C 45 -31.57 1.73 12.17
N ALA C 46 -30.98 0.90 13.02
CA ALA C 46 -30.09 1.36 14.07
C ALA C 46 -28.91 0.40 14.24
N HIS C 47 -27.97 0.81 15.08
CA HIS C 47 -26.84 -0.02 15.47
C HIS C 47 -27.16 -0.78 16.73
N LYS C 48 -26.99 -2.11 16.70
CA LYS C 48 -27.24 -2.88 17.91
C LYS C 48 -26.44 -2.32 19.07
N VAL C 49 -25.20 -1.91 18.81
CA VAL C 49 -24.29 -1.55 19.88
C VAL C 49 -24.59 -0.16 20.43
N VAL C 50 -25.17 0.73 19.61
CA VAL C 50 -25.53 2.05 20.11
C VAL C 50 -26.79 1.96 20.98
N LEU C 51 -27.81 1.24 20.51
CA LEU C 51 -29.01 1.06 21.32
C LEU C 51 -28.70 0.31 22.60
N ALA C 52 -27.89 -0.75 22.51
CA ALA C 52 -27.42 -1.41 23.71
C ALA C 52 -26.66 -0.45 24.62
N SER C 53 -26.18 0.67 24.07
CA SER C 53 -25.36 1.62 24.83
C SER C 53 -26.21 2.49 25.75
N SER C 54 -27.51 2.60 25.47
CA SER C 54 -28.40 3.34 26.35
C SER C 54 -29.46 2.47 27.01
N SER C 55 -30.09 1.59 26.23
CA SER C 55 -31.15 0.70 26.72
C SER C 55 -30.58 -0.62 27.22
N PRO C 56 -30.73 -0.98 28.50
CA PRO C 56 -30.50 -2.36 28.90
C PRO C 56 -31.43 -3.31 28.19
N VAL C 57 -32.66 -2.88 27.90
CA VAL C 57 -33.63 -3.77 27.27
C VAL C 57 -33.17 -4.12 25.85
N PHE C 58 -32.55 -3.17 25.16
CA PHE C 58 -32.02 -3.46 23.84
C PHE C 58 -30.72 -4.23 23.92
N LYS C 59 -29.99 -4.06 25.01
CA LYS C 59 -28.81 -4.91 25.24
C LYS C 59 -29.23 -6.37 25.36
N ALA C 60 -30.07 -6.66 26.36
CA ALA C 60 -30.55 -8.02 26.61
C ALA C 60 -31.18 -8.64 25.37
N MET C 61 -31.74 -7.81 24.50
CA MET C 61 -32.47 -8.27 23.32
C MET C 61 -31.53 -8.72 22.21
N PHE C 62 -30.39 -8.04 22.07
CA PHE C 62 -29.46 -8.41 21.04
C PHE C 62 -28.32 -9.27 21.55
N THR C 63 -28.05 -9.23 22.86
CA THR C 63 -26.91 -9.97 23.40
C THR C 63 -27.20 -11.46 23.47
N ASN C 64 -28.43 -11.84 23.80
CA ASN C 64 -28.82 -13.24 23.84
C ASN C 64 -29.68 -13.66 22.66
N GLY C 65 -29.84 -12.78 21.65
CA GLY C 65 -30.66 -13.14 20.50
C GLY C 65 -30.21 -14.44 19.84
N LEU C 66 -28.90 -14.68 19.85
CA LEU C 66 -28.19 -15.77 19.21
C LEU C 66 -28.19 -15.62 17.70
N ARG C 67 -28.74 -14.56 17.13
CA ARG C 67 -28.68 -14.45 15.67
C ARG C 67 -27.26 -14.03 15.23
N GLU C 68 -26.83 -12.82 15.59
CA GLU C 68 -25.50 -12.27 15.30
C GLU C 68 -25.15 -12.25 13.81
N GLN C 69 -26.09 -12.66 12.96
CA GLN C 69 -25.97 -12.57 11.50
C GLN C 69 -26.68 -11.32 11.01
N GLY C 70 -25.97 -10.49 10.24
CA GLY C 70 -26.61 -9.45 9.46
C GLY C 70 -27.65 -8.61 10.19
N MET C 71 -28.82 -8.43 9.57
CA MET C 71 -29.81 -7.44 9.99
C MET C 71 -30.99 -8.08 10.73
N GLU C 72 -30.81 -8.37 12.03
CA GLU C 72 -31.96 -8.83 12.81
C GLU C 72 -33.06 -7.77 12.77
N VAL C 73 -34.28 -8.17 12.40
CA VAL C 73 -35.40 -7.25 12.30
C VAL C 73 -36.35 -7.58 13.44
N VAL C 74 -36.57 -6.63 14.34
CA VAL C 74 -37.35 -6.85 15.55
C VAL C 74 -38.72 -6.21 15.35
N SER C 75 -39.78 -6.99 15.56
CA SER C 75 -41.15 -6.52 15.46
C SER C 75 -41.56 -5.93 16.81
N ILE C 76 -41.90 -4.65 16.85
CA ILE C 76 -42.14 -3.95 18.11
C ILE C 76 -43.52 -3.32 18.08
N GLU C 77 -44.34 -3.70 19.05
CA GLU C 77 -45.67 -3.16 19.28
C GLU C 77 -45.73 -2.66 20.71
N GLY C 78 -46.73 -1.83 20.99
CA GLY C 78 -46.80 -1.16 22.27
C GLY C 78 -46.00 0.11 22.36
N ILE C 79 -45.40 0.55 21.27
CA ILE C 79 -44.81 1.88 21.15
C ILE C 79 -45.38 2.53 19.90
N HIS C 80 -45.86 3.74 20.04
CA HIS C 80 -46.24 4.48 18.86
C HIS C 80 -44.99 4.74 18.02
N PRO C 81 -45.11 4.72 16.69
CA PRO C 81 -43.92 4.91 15.85
C PRO C 81 -43.07 6.11 16.23
N LYS C 82 -43.69 7.26 16.49
CA LYS C 82 -42.89 8.46 16.71
C LYS C 82 -42.21 8.43 18.07
N VAL C 83 -42.82 7.78 19.06
CA VAL C 83 -42.19 7.70 20.37
C VAL C 83 -40.94 6.84 20.29
N MET C 84 -41.02 5.72 19.56
CA MET C 84 -39.82 4.90 19.33
C MET C 84 -38.76 5.68 18.58
N GLU C 85 -39.16 6.44 17.57
CA GLU C 85 -38.20 7.25 16.81
C GLU C 85 -37.56 8.31 17.71
N ARG C 86 -38.36 8.97 18.56
CA ARG C 86 -37.79 9.95 19.48
C ARG C 86 -36.87 9.25 20.48
N LEU C 87 -37.26 8.05 20.93
CA LEU C 87 -36.41 7.28 21.85
C LEU C 87 -35.09 6.89 21.19
N ILE C 88 -35.12 6.46 19.93
CA ILE C 88 -33.87 6.14 19.20
C ILE C 88 -32.95 7.35 19.16
N GLU C 89 -33.53 8.55 18.97
CA GLU C 89 -32.72 9.76 18.81
C GLU C 89 -32.13 10.21 20.12
N PHE C 90 -32.82 9.93 21.24
CA PHE C 90 -32.21 10.20 22.54
C PHE C 90 -30.97 9.34 22.74
N ALA C 91 -30.98 8.10 22.24
CA ALA C 91 -29.82 7.22 22.33
C ALA C 91 -28.63 7.84 21.60
N TYR C 92 -28.85 8.26 20.35
CA TYR C 92 -27.76 8.85 19.57
C TYR C 92 -27.43 10.26 20.02
N THR C 93 -28.45 11.12 20.13
CA THR C 93 -28.20 12.56 20.27
C THR C 93 -27.97 12.98 21.72
N ALA C 94 -28.67 12.35 22.67
CA ALA C 94 -28.57 12.50 24.13
C ALA C 94 -29.63 13.44 24.66
N SER C 95 -30.62 13.76 23.83
CA SER C 95 -31.68 14.70 24.18
C SER C 95 -32.98 14.35 23.47
N ILE C 96 -34.08 14.61 24.14
CA ILE C 96 -35.39 14.24 23.64
C ILE C 96 -36.35 15.40 23.82
N SER C 97 -37.33 15.50 22.93
CA SER C 97 -38.09 16.71 22.66
C SER C 97 -39.48 16.32 22.19
N VAL C 98 -40.52 16.87 22.83
CA VAL C 98 -41.88 16.42 22.54
C VAL C 98 -42.92 17.31 23.20
N GLY C 99 -44.07 17.47 22.55
CA GLY C 99 -45.14 18.24 23.15
C GLY C 99 -45.64 17.61 24.44
N GLU C 100 -46.25 18.43 25.29
CA GLU C 100 -46.65 17.95 26.61
C GLU C 100 -47.77 16.93 26.50
N LYS C 101 -48.46 16.87 25.37
CA LYS C 101 -49.42 15.79 25.17
C LYS C 101 -48.76 14.41 25.26
N CYS C 102 -47.62 14.25 24.59
CA CYS C 102 -47.02 12.93 24.44
C CYS C 102 -46.21 12.47 25.65
N VAL C 103 -45.79 13.39 26.53
CA VAL C 103 -44.83 13.07 27.59
C VAL C 103 -45.21 11.78 28.32
N LEU C 104 -46.48 11.68 28.70
CA LEU C 104 -46.98 10.41 29.22
C LEU C 104 -46.53 9.25 28.35
N HIS C 105 -46.99 9.23 27.09
CA HIS C 105 -46.69 8.13 26.19
C HIS C 105 -45.20 7.97 26.00
N VAL C 106 -44.45 9.07 25.92
CA VAL C 106 -42.99 8.98 25.88
C VAL C 106 -42.50 8.31 27.16
N MET C 107 -43.01 8.77 28.31
CA MET C 107 -42.58 8.14 29.54
C MET C 107 -42.91 6.65 29.56
N ASN C 108 -43.99 6.25 28.90
CA ASN C 108 -44.30 4.83 28.77
C ASN C 108 -43.27 4.11 27.91
N GLY C 109 -42.97 4.64 26.71
CA GLY C 109 -41.92 4.04 25.89
C GLY C 109 -40.56 4.10 26.53
N ALA C 110 -40.37 5.00 27.50
CA ALA C 110 -39.07 5.14 28.12
C ALA C 110 -38.88 4.11 29.23
N VAL C 111 -39.96 3.77 29.94
CA VAL C 111 -39.90 2.69 30.91
C VAL C 111 -39.80 1.37 30.17
N MET C 112 -40.58 1.23 29.09
CA MET C 112 -40.64 -0.02 28.35
C MET C 112 -39.26 -0.53 27.95
N TYR C 113 -38.30 0.37 27.76
CA TYR C 113 -36.94 0.01 27.40
C TYR C 113 -35.95 0.44 28.47
N GLN C 114 -36.41 0.56 29.72
CA GLN C 114 -35.51 0.70 30.88
C GLN C 114 -34.64 1.96 30.78
N ILE C 115 -35.01 2.93 29.94
CA ILE C 115 -34.25 4.17 29.87
C ILE C 115 -34.71 5.06 31.00
N ASP C 116 -34.26 4.74 32.23
CA ASP C 116 -34.79 5.43 33.40
C ASP C 116 -34.25 6.87 33.51
N SER C 117 -33.38 7.29 32.59
CA SER C 117 -32.95 8.69 32.56
C SER C 117 -34.09 9.62 32.13
N VAL C 118 -34.76 9.28 31.02
CA VAL C 118 -35.95 10.00 30.54
C VAL C 118 -37.16 9.66 31.40
N VAL C 119 -37.15 8.51 32.08
CA VAL C 119 -38.25 8.23 32.99
C VAL C 119 -38.28 9.26 34.11
N ARG C 120 -37.14 9.52 34.76
CA ARG C 120 -37.11 10.56 35.79
C ARG C 120 -37.61 11.88 35.23
N ALA C 121 -37.06 12.32 34.09
CA ALA C 121 -37.42 13.61 33.53
C ALA C 121 -38.90 13.67 33.14
N CYS C 122 -39.36 12.69 32.34
CA CYS C 122 -40.76 12.68 31.92
C CYS C 122 -41.70 12.69 33.11
N ALA C 123 -41.35 11.94 34.16
CA ALA C 123 -42.21 11.89 35.35
C ALA C 123 -42.26 13.23 36.07
N ASP C 124 -41.08 13.78 36.40
CA ASP C 124 -41.01 15.06 37.11
C ASP C 124 -41.77 16.13 36.38
N PHE C 125 -41.70 16.14 35.04
CA PHE C 125 -42.42 17.14 34.28
C PHE C 125 -43.92 16.96 34.42
N LEU C 126 -44.37 15.71 34.48
CA LEU C 126 -45.80 15.47 34.66
C LEU C 126 -46.28 15.88 36.04
N VAL C 127 -45.40 15.89 37.06
CA VAL C 127 -45.80 16.27 38.40
C VAL C 127 -46.01 17.77 38.51
N GLN C 128 -45.05 18.57 38.01
CA GLN C 128 -45.15 20.02 38.08
C GLN C 128 -46.14 20.59 37.07
N GLN C 129 -46.60 19.80 36.11
CA GLN C 129 -47.67 20.17 35.21
C GLN C 129 -49.06 20.03 35.83
N LEU C 130 -49.15 19.99 37.17
CA LEU C 130 -50.41 19.74 37.88
C LEU C 130 -50.58 20.60 39.13
N ARG D 1 32.46 -52.02 13.39
CA ARG D 1 31.15 -52.46 13.87
C ARG D 1 30.01 -51.81 13.10
N THR D 2 28.78 -51.95 13.58
CA THR D 2 27.64 -51.28 12.99
C THR D 2 27.39 -49.97 13.71
N PHE D 3 27.27 -48.91 12.91
CA PHE D 3 27.05 -47.55 13.38
C PHE D 3 25.59 -47.16 13.17
N SER D 4 24.97 -46.56 14.18
CA SER D 4 23.60 -46.07 14.10
C SER D 4 23.56 -44.60 14.48
N TYR D 5 22.80 -43.82 13.71
CA TYR D 5 22.54 -42.43 14.07
C TYR D 5 21.05 -42.15 13.97
N THR D 6 20.54 -41.41 14.94
CA THR D 6 19.19 -40.88 14.96
C THR D 6 19.27 -39.42 15.32
N LEU D 7 18.75 -38.55 14.45
CA LEU D 7 18.69 -37.11 14.69
C LEU D 7 17.32 -36.77 15.29
N GLU D 8 17.30 -36.35 16.55
CA GLU D 8 16.03 -36.25 17.26
C GLU D 8 15.14 -35.16 16.67
N ASP D 9 15.66 -33.96 16.51
CA ASP D 9 14.79 -32.89 16.02
C ASP D 9 14.59 -32.95 14.49
N HIS D 10 14.80 -34.09 13.83
CA HIS D 10 14.64 -34.13 12.37
C HIS D 10 13.19 -33.96 11.94
N THR D 11 12.25 -34.61 12.65
CA THR D 11 10.85 -34.47 12.24
C THR D 11 10.35 -33.04 12.47
N LYS D 12 10.81 -32.39 13.55
CA LYS D 12 10.49 -30.99 13.75
C LYS D 12 10.95 -30.16 12.55
N GLN D 13 12.25 -30.18 12.24
CA GLN D 13 12.78 -29.18 11.32
C GLN D 13 12.35 -29.44 9.88
N ALA D 14 12.15 -30.71 9.50
CA ALA D 14 11.69 -31.03 8.15
C ALA D 14 10.27 -30.55 7.90
N PHE D 15 9.45 -30.47 8.94
CA PHE D 15 8.11 -29.94 8.81
C PHE D 15 8.13 -28.46 8.50
N GLY D 16 8.75 -27.66 9.38
CA GLY D 16 8.87 -26.24 9.09
C GLY D 16 9.49 -25.96 7.73
N VAL D 17 10.37 -26.83 7.26
CA VAL D 17 10.84 -26.74 5.88
C VAL D 17 9.71 -27.07 4.91
N MET D 18 8.96 -28.14 5.20
CA MET D 18 7.79 -28.45 4.38
C MET D 18 6.78 -27.33 4.47
N ASN D 19 6.66 -26.72 5.64
CA ASN D 19 5.69 -25.67 5.82
C ASN D 19 6.12 -24.40 5.09
N GLU D 20 7.41 -24.09 5.13
CA GLU D 20 7.94 -23.10 4.21
C GLU D 20 7.47 -23.39 2.79
N LEU D 21 7.85 -24.57 2.28
CA LEU D 21 7.47 -24.97 0.92
C LEU D 21 6.00 -24.67 0.62
N ARG D 22 5.11 -24.87 1.60
CA ARG D 22 3.72 -24.50 1.41
C ARG D 22 3.56 -22.99 1.24
N LEU D 23 4.01 -22.22 2.24
CA LEU D 23 3.96 -20.77 2.14
C LEU D 23 4.61 -20.28 0.86
N SER D 24 5.66 -20.94 0.39
CA SER D 24 6.27 -20.65 -0.89
C SER D 24 5.40 -21.06 -2.08
N GLN D 25 4.18 -21.57 -1.86
CA GLN D 25 3.36 -22.16 -2.93
C GLN D 25 4.17 -23.07 -3.84
N GLN D 26 5.13 -23.80 -3.26
CA GLN D 26 6.00 -24.69 -4.00
C GLN D 26 5.69 -26.15 -3.65
N LEU D 27 5.85 -27.03 -4.65
CA LEU D 27 5.63 -28.46 -4.52
C LEU D 27 4.20 -28.81 -4.10
N CYS D 28 3.26 -27.88 -4.21
CA CYS D 28 1.91 -28.14 -3.73
C CYS D 28 1.12 -28.92 -4.79
N ASP D 29 0.73 -30.15 -4.46
CA ASP D 29 0.00 -31.00 -5.40
C ASP D 29 -1.52 -30.96 -5.21
N VAL D 30 -2.03 -30.08 -4.34
CA VAL D 30 -3.47 -29.85 -4.17
C VAL D 30 -3.68 -28.38 -3.80
N THR D 31 -4.84 -27.84 -4.20
CA THR D 31 -5.29 -26.50 -3.87
C THR D 31 -6.74 -26.54 -3.41
N LEU D 32 -7.00 -26.02 -2.21
CA LEU D 32 -8.29 -26.14 -1.54
C LEU D 32 -9.12 -24.86 -1.70
N GLN D 33 -10.32 -25.00 -2.26
CA GLN D 33 -11.23 -23.89 -2.54
C GLN D 33 -12.30 -23.88 -1.44
N VAL D 34 -12.06 -23.10 -0.39
CA VAL D 34 -12.90 -23.14 0.80
C VAL D 34 -14.00 -22.09 0.66
N LYS D 35 -15.19 -22.56 0.26
CA LYS D 35 -16.36 -21.72 0.05
C LYS D 35 -17.21 -21.71 1.32
N TYR D 36 -17.50 -20.52 1.84
CA TYR D 36 -18.27 -20.38 3.08
C TYR D 36 -19.30 -19.27 2.93
N GLU D 37 -20.54 -19.65 2.60
CA GLU D 37 -21.60 -18.69 2.32
C GLU D 37 -21.11 -17.60 1.36
N ASP D 38 -21.31 -16.33 1.72
CA ASP D 38 -20.94 -15.22 0.84
C ASP D 38 -19.48 -14.80 0.97
N ILE D 39 -18.71 -15.40 1.87
CA ILE D 39 -17.31 -15.01 2.04
C ILE D 39 -16.54 -15.35 0.77
N PRO D 40 -15.69 -14.46 0.24
CA PRO D 40 -15.08 -14.73 -1.07
C PRO D 40 -14.10 -15.89 -0.98
N ALA D 41 -14.07 -16.71 -2.03
CA ALA D 41 -13.33 -17.97 -1.97
C ALA D 41 -11.89 -17.72 -1.58
N ALA D 42 -11.39 -18.56 -0.67
CA ALA D 42 -10.00 -18.51 -0.22
C ALA D 42 -9.30 -19.76 -0.74
N GLN D 43 -8.15 -19.57 -1.38
CA GLN D 43 -7.39 -20.67 -1.95
C GLN D 43 -6.27 -21.04 -1.00
N PHE D 44 -6.28 -22.29 -0.55
CA PHE D 44 -5.21 -22.81 0.29
C PHE D 44 -4.48 -23.89 -0.50
N MET D 45 -3.19 -23.70 -0.72
CA MET D 45 -2.36 -24.69 -1.40
C MET D 45 -1.60 -25.52 -0.38
N ALA D 46 -1.41 -26.80 -0.67
CA ALA D 46 -0.74 -27.70 0.24
C ALA D 46 -0.19 -28.91 -0.52
N HIS D 47 0.55 -29.75 0.21
CA HIS D 47 0.97 -31.05 -0.29
C HIS D 47 0.08 -32.13 0.31
N LYS D 48 -0.47 -33.00 -0.54
CA LYS D 48 -1.42 -34.01 -0.08
C LYS D 48 -0.82 -34.86 1.02
N VAL D 49 0.48 -35.17 0.90
CA VAL D 49 1.14 -36.08 1.83
C VAL D 49 1.01 -35.55 3.24
N VAL D 50 1.25 -34.25 3.41
CA VAL D 50 1.27 -33.68 4.75
C VAL D 50 -0.15 -33.62 5.31
N LEU D 51 -1.11 -33.12 4.52
CA LEU D 51 -2.51 -33.24 4.90
C LEU D 51 -2.85 -34.67 5.30
N ALA D 52 -2.45 -35.64 4.46
CA ALA D 52 -2.80 -37.02 4.69
C ALA D 52 -2.05 -37.58 5.89
N SER D 53 -0.94 -36.96 6.26
CA SER D 53 -0.25 -37.40 7.47
C SER D 53 -0.95 -36.88 8.73
N SER D 54 -1.69 -35.77 8.61
CA SER D 54 -2.30 -35.12 9.76
C SER D 54 -3.81 -35.30 9.84
N SER D 55 -4.45 -35.61 8.71
CA SER D 55 -5.87 -35.95 8.65
C SER D 55 -6.08 -37.38 8.14
N PRO D 56 -6.81 -38.21 8.87
CA PRO D 56 -7.41 -39.40 8.26
C PRO D 56 -8.33 -39.10 7.07
N VAL D 57 -9.19 -38.10 7.21
CA VAL D 57 -10.20 -37.78 6.20
C VAL D 57 -9.55 -37.37 4.89
N PHE D 58 -8.37 -36.74 4.97
CA PHE D 58 -7.66 -36.31 3.77
C PHE D 58 -6.88 -37.45 3.15
N LYS D 59 -6.28 -38.30 3.98
CA LYS D 59 -5.65 -39.49 3.44
C LYS D 59 -6.63 -40.19 2.51
N ALA D 60 -7.81 -40.53 3.01
CA ALA D 60 -8.80 -41.20 2.18
C ALA D 60 -9.19 -40.38 0.95
N MET D 61 -8.98 -39.08 1.00
CA MET D 61 -9.39 -38.24 -0.13
C MET D 61 -8.50 -38.49 -1.34
N PHE D 62 -7.18 -38.53 -1.11
CA PHE D 62 -6.20 -38.59 -2.19
C PHE D 62 -5.85 -40.03 -2.56
N THR D 63 -5.61 -40.87 -1.55
CA THR D 63 -5.48 -42.32 -1.69
C THR D 63 -6.84 -43.01 -1.73
N ASN D 64 -7.80 -42.45 -2.47
CA ASN D 64 -9.08 -43.07 -2.78
C ASN D 64 -8.99 -43.94 -4.02
N GLY D 65 -7.79 -44.04 -4.61
CA GLY D 65 -7.57 -44.77 -5.84
C GLY D 65 -8.34 -44.26 -7.04
N LEU D 66 -8.89 -43.03 -6.95
CA LEU D 66 -9.81 -42.48 -7.96
C LEU D 66 -9.40 -41.04 -8.28
N ARG D 67 -8.34 -40.89 -9.06
CA ARG D 67 -7.87 -39.55 -9.43
C ARG D 67 -7.05 -39.63 -10.71
N GLU D 68 -7.34 -38.72 -11.64
CA GLU D 68 -6.73 -38.65 -12.97
C GLU D 68 -7.32 -37.44 -13.71
N GLN D 69 -6.44 -36.55 -14.21
CA GLN D 69 -6.86 -35.29 -14.85
C GLN D 69 -7.92 -34.60 -13.97
N GLY D 70 -7.59 -34.41 -12.70
CA GLY D 70 -8.62 -33.94 -11.80
C GLY D 70 -8.30 -34.20 -10.34
N MET D 71 -9.05 -33.50 -9.51
CA MET D 71 -8.96 -33.45 -8.05
C MET D 71 -7.73 -32.68 -7.56
N GLU D 72 -7.00 -32.00 -8.47
CA GLU D 72 -5.97 -31.06 -8.03
C GLU D 72 -6.59 -30.00 -7.12
N VAL D 73 -7.81 -29.56 -7.45
CA VAL D 73 -8.53 -28.53 -6.70
C VAL D 73 -9.77 -29.16 -6.06
N VAL D 74 -9.87 -29.04 -4.74
CA VAL D 74 -10.94 -29.65 -3.96
C VAL D 74 -11.81 -28.57 -3.34
N SER D 75 -13.12 -28.82 -3.27
CA SER D 75 -14.07 -27.82 -2.79
C SER D 75 -14.43 -28.11 -1.34
N ILE D 76 -14.16 -27.14 -0.45
CA ILE D 76 -14.47 -27.26 0.97
C ILE D 76 -15.63 -26.33 1.29
N GLU D 77 -16.79 -26.91 1.63
CA GLU D 77 -17.96 -26.14 2.07
C GLU D 77 -18.12 -26.25 3.57
N GLY D 78 -18.67 -25.21 4.16
CA GLY D 78 -19.05 -25.28 5.55
C GLY D 78 -17.94 -25.07 6.55
N ILE D 79 -16.73 -24.75 6.12
CA ILE D 79 -15.71 -24.27 7.04
C ILE D 79 -15.46 -22.81 6.71
N HIS D 80 -15.28 -22.00 7.73
CA HIS D 80 -14.88 -20.64 7.50
C HIS D 80 -13.41 -20.62 7.10
N PRO D 81 -13.05 -19.97 6.00
CA PRO D 81 -11.65 -20.01 5.55
C PRO D 81 -10.63 -19.71 6.63
N LYS D 82 -10.97 -18.92 7.65
CA LYS D 82 -9.98 -18.66 8.69
C LYS D 82 -9.89 -19.80 9.69
N VAL D 83 -10.99 -20.51 9.95
CA VAL D 83 -10.89 -21.76 10.69
C VAL D 83 -9.99 -22.72 9.93
N MET D 84 -10.38 -23.03 8.68
CA MET D 84 -9.63 -23.95 7.86
C MET D 84 -8.16 -23.62 7.82
N GLU D 85 -7.84 -22.33 7.81
CA GLU D 85 -6.44 -21.90 7.81
C GLU D 85 -5.69 -22.42 9.03
N ARG D 86 -6.31 -22.36 10.21
CA ARG D 86 -5.61 -22.73 11.44
C ARG D 86 -5.52 -24.24 11.59
N LEU D 87 -6.48 -24.96 11.01
CA LEU D 87 -6.42 -26.41 10.84
C LEU D 87 -5.23 -26.79 9.96
N ILE D 88 -5.29 -26.42 8.68
CA ILE D 88 -4.23 -26.58 7.70
C ILE D 88 -2.90 -26.18 8.31
N GLU D 89 -2.90 -25.10 9.08
CA GLU D 89 -1.65 -24.69 9.69
C GLU D 89 -1.20 -25.69 10.75
N PHE D 90 -2.15 -26.16 11.56
CA PHE D 90 -1.83 -27.17 12.55
C PHE D 90 -1.19 -28.39 11.92
N ALA D 91 -1.67 -28.82 10.75
CA ALA D 91 -1.06 -29.92 10.02
C ALA D 91 0.43 -29.68 9.78
N TYR D 92 0.83 -28.44 9.52
CA TYR D 92 2.20 -28.10 9.19
C TYR D 92 3.01 -27.55 10.36
N THR D 93 2.38 -27.24 11.49
CA THR D 93 3.09 -26.63 12.60
C THR D 93 3.10 -27.50 13.84
N ALA D 94 2.14 -28.41 13.92
CA ALA D 94 1.78 -29.19 15.11
C ALA D 94 1.18 -28.32 16.20
N SER D 95 0.85 -27.06 15.93
CA SER D 95 0.23 -26.26 16.96
C SER D 95 -0.87 -25.40 16.34
N ILE D 96 -1.79 -24.97 17.20
CA ILE D 96 -2.93 -24.17 16.79
C ILE D 96 -3.25 -23.19 17.91
N SER D 97 -3.52 -21.95 17.53
CA SER D 97 -4.10 -20.98 18.44
C SER D 97 -5.41 -20.50 17.83
N VAL D 98 -6.32 -20.09 18.70
CA VAL D 98 -7.59 -19.55 18.27
C VAL D 98 -8.15 -18.73 19.42
N GLY D 99 -8.68 -17.55 19.10
CA GLY D 99 -9.37 -16.78 20.10
C GLY D 99 -10.44 -17.68 20.66
N GLU D 100 -10.55 -17.73 21.98
CA GLU D 100 -11.32 -18.79 22.61
C GLU D 100 -12.80 -18.79 22.22
N LYS D 101 -13.28 -17.73 21.56
CA LYS D 101 -14.70 -17.62 21.28
C LYS D 101 -15.11 -18.47 20.08
N CYS D 102 -14.15 -18.94 19.29
CA CYS D 102 -14.46 -19.78 18.15
C CYS D 102 -13.92 -21.18 18.33
N VAL D 103 -13.65 -21.57 19.58
CA VAL D 103 -13.13 -22.90 19.83
C VAL D 103 -14.06 -23.96 19.26
N LEU D 104 -15.37 -23.74 19.35
CA LEU D 104 -16.27 -24.80 18.89
C LEU D 104 -16.34 -24.85 17.37
N HIS D 105 -16.10 -23.73 16.69
CA HIS D 105 -16.03 -23.85 15.24
C HIS D 105 -14.72 -24.46 14.78
N VAL D 106 -13.63 -24.21 15.51
CA VAL D 106 -12.38 -24.88 15.21
C VAL D 106 -12.47 -26.35 15.59
N MET D 107 -13.17 -26.66 16.68
CA MET D 107 -13.48 -28.04 17.01
C MET D 107 -14.35 -28.67 15.91
N ASN D 108 -15.36 -27.92 15.44
CA ASN D 108 -16.26 -28.48 14.41
C ASN D 108 -15.52 -28.75 13.12
N GLY D 109 -14.62 -27.86 12.70
CA GLY D 109 -13.82 -28.18 11.53
C GLY D 109 -12.98 -29.41 11.76
N ALA D 110 -12.32 -29.46 12.92
CA ALA D 110 -11.34 -30.52 13.21
C ALA D 110 -11.97 -31.89 13.19
N VAL D 111 -13.20 -31.99 13.65
CA VAL D 111 -13.99 -33.22 13.49
C VAL D 111 -14.17 -33.54 12.01
N MET D 112 -14.47 -32.54 11.19
CA MET D 112 -14.75 -32.79 9.77
C MET D 112 -13.60 -33.51 9.12
N TYR D 113 -12.40 -33.36 9.69
CA TYR D 113 -11.18 -33.96 9.16
C TYR D 113 -10.49 -34.89 10.17
N GLN D 114 -11.16 -35.16 11.29
CA GLN D 114 -10.71 -36.14 12.24
C GLN D 114 -9.36 -35.77 12.84
N ILE D 115 -9.08 -34.47 12.95
CA ILE D 115 -7.90 -34.05 13.69
C ILE D 115 -8.18 -34.31 15.16
N ASP D 116 -8.30 -35.59 15.52
CA ASP D 116 -8.68 -36.03 16.85
C ASP D 116 -7.76 -35.46 17.94
N SER D 117 -6.59 -34.94 17.57
CA SER D 117 -5.69 -34.44 18.61
C SER D 117 -6.17 -33.11 19.16
N VAL D 118 -6.65 -32.22 18.28
CA VAL D 118 -7.23 -30.96 18.72
C VAL D 118 -8.71 -31.10 19.00
N VAL D 119 -9.39 -32.07 18.40
CA VAL D 119 -10.80 -32.26 18.76
C VAL D 119 -10.90 -32.57 20.25
N ARG D 120 -9.91 -33.27 20.81
CA ARG D 120 -9.83 -33.39 22.25
C ARG D 120 -9.47 -32.05 22.90
N ALA D 121 -8.31 -31.49 22.55
CA ALA D 121 -7.87 -30.21 23.09
C ALA D 121 -9.03 -29.24 23.24
N CYS D 122 -9.77 -29.05 22.14
CA CYS D 122 -10.83 -28.04 22.09
C CYS D 122 -12.01 -28.43 22.96
N ALA D 123 -12.36 -29.72 22.99
CA ALA D 123 -13.52 -30.10 23.77
C ALA D 123 -13.21 -30.03 25.26
N ASP D 124 -12.02 -30.48 25.66
CA ASP D 124 -11.60 -30.33 27.06
C ASP D 124 -11.75 -28.89 27.49
N PHE D 125 -11.25 -27.98 26.66
CA PHE D 125 -11.26 -26.56 26.95
C PHE D 125 -12.69 -26.05 27.11
N LEU D 126 -13.54 -26.33 26.11
CA LEU D 126 -14.95 -25.97 26.19
C LEU D 126 -15.53 -26.36 27.55
N VAL D 127 -15.23 -27.59 28.00
CA VAL D 127 -15.82 -28.13 29.23
C VAL D 127 -15.29 -27.41 30.47
N GLN D 128 -14.02 -27.00 30.45
CA GLN D 128 -13.47 -26.30 31.60
C GLN D 128 -14.15 -24.96 31.83
N GLN D 129 -14.65 -24.34 30.75
CA GLN D 129 -15.28 -23.03 30.89
C GLN D 129 -16.61 -23.10 31.60
N LEU D 130 -17.20 -24.28 31.71
CA LEU D 130 -18.55 -24.40 32.25
C LEU D 130 -18.48 -24.36 33.78
N ARG E 1 -8.68 7.92 -38.33
CA ARG E 1 -7.70 8.12 -37.26
C ARG E 1 -8.18 9.16 -36.25
N THR E 2 -7.71 9.02 -35.01
CA THR E 2 -8.00 9.95 -33.93
C THR E 2 -6.66 10.44 -33.38
N PHE E 3 -6.36 11.71 -33.59
CA PHE E 3 -5.16 12.30 -33.02
C PHE E 3 -5.36 12.54 -31.53
N SER E 4 -4.44 12.02 -30.73
CA SER E 4 -4.47 12.23 -29.29
C SER E 4 -3.08 12.70 -28.87
N TYR E 5 -3.07 13.70 -27.98
CA TYR E 5 -1.83 14.26 -27.47
C TYR E 5 -1.93 14.38 -25.96
N THR E 6 -0.89 13.96 -25.26
CA THR E 6 -0.74 14.19 -23.84
C THR E 6 0.62 14.81 -23.58
N LEU E 7 0.65 15.81 -22.70
CA LEU E 7 1.87 16.49 -22.30
C LEU E 7 2.15 16.13 -20.85
N GLU E 8 3.29 15.48 -20.61
CA GLU E 8 3.55 14.90 -19.29
C GLU E 8 3.97 15.96 -18.28
N ASP E 9 4.65 17.00 -18.74
CA ASP E 9 5.02 18.09 -17.85
C ASP E 9 3.91 19.11 -17.65
N HIS E 10 2.75 18.91 -18.30
CA HIS E 10 1.71 19.94 -18.32
C HIS E 10 1.32 20.40 -16.92
N THR E 11 0.92 19.46 -16.05
CA THR E 11 0.53 19.86 -14.70
C THR E 11 1.71 20.39 -13.89
N LYS E 12 2.94 19.98 -14.23
CA LYS E 12 4.11 20.50 -13.53
C LYS E 12 4.43 21.90 -14.01
N GLN E 13 4.34 22.10 -15.33
CA GLN E 13 4.56 23.41 -15.92
C GLN E 13 3.48 24.38 -15.49
N ALA E 14 2.22 23.94 -15.55
CA ALA E 14 1.14 24.83 -15.16
C ALA E 14 1.34 25.35 -13.73
N PHE E 15 1.81 24.47 -12.83
CA PHE E 15 1.85 24.78 -11.40
C PHE E 15 2.98 25.74 -11.05
N GLY E 16 4.00 25.84 -11.88
CA GLY E 16 4.95 26.90 -11.65
C GLY E 16 4.53 28.22 -12.19
N VAL E 17 3.48 28.24 -13.01
CA VAL E 17 2.86 29.48 -13.45
C VAL E 17 2.02 30.05 -12.32
N MET E 18 1.20 29.19 -11.70
CA MET E 18 0.34 29.61 -10.62
C MET E 18 1.13 29.95 -9.37
N ASN E 19 2.37 29.46 -9.22
CA ASN E 19 3.16 29.90 -8.08
C ASN E 19 3.72 31.31 -8.30
N GLU E 20 4.14 31.64 -9.52
CA GLU E 20 4.56 33.01 -9.78
C GLU E 20 3.40 33.97 -9.60
N LEU E 21 2.22 33.58 -10.10
CA LEU E 21 1.04 34.44 -10.01
C LEU E 21 0.70 34.75 -8.56
N ARG E 22 0.93 33.78 -7.68
CA ARG E 22 0.76 34.02 -6.25
C ARG E 22 1.74 35.08 -5.75
N LEU E 23 3.03 34.83 -5.93
CA LEU E 23 4.06 35.78 -5.55
C LEU E 23 3.89 37.14 -6.23
N SER E 24 3.31 37.14 -7.44
CA SER E 24 2.95 38.37 -8.13
C SER E 24 1.71 39.03 -7.57
N GLN E 25 1.18 38.54 -6.45
CA GLN E 25 -0.07 39.01 -5.86
C GLN E 25 -1.17 39.12 -6.91
N GLN E 26 -1.01 38.42 -8.02
CA GLN E 26 -1.77 38.64 -9.24
C GLN E 26 -2.78 37.52 -9.39
N LEU E 27 -3.98 37.88 -9.84
CA LEU E 27 -5.06 36.94 -10.11
C LEU E 27 -5.60 36.23 -8.85
N CYS E 28 -5.40 36.81 -7.67
CA CYS E 28 -5.72 36.11 -6.44
C CYS E 28 -7.21 36.19 -6.08
N ASP E 29 -7.66 35.21 -5.30
CA ASP E 29 -9.05 35.03 -4.94
C ASP E 29 -9.31 35.12 -3.45
N VAL E 30 -8.33 34.79 -2.62
CA VAL E 30 -8.46 34.73 -1.18
C VAL E 30 -7.23 35.36 -0.56
N THR E 31 -7.33 35.73 0.72
CA THR E 31 -6.22 36.30 1.46
C THR E 31 -6.23 35.77 2.89
N LEU E 32 -5.17 35.10 3.29
CA LEU E 32 -5.13 34.41 4.57
C LEU E 32 -4.53 35.32 5.63
N GLN E 33 -5.35 35.80 6.55
CA GLN E 33 -4.87 36.61 7.67
C GLN E 33 -4.46 35.65 8.79
N VAL E 34 -3.17 35.43 8.94
CA VAL E 34 -2.63 34.43 9.85
C VAL E 34 -2.17 35.13 11.12
N LYS E 35 -2.99 35.10 12.15
CA LYS E 35 -2.60 35.61 13.46
C LYS E 35 -2.10 34.47 14.34
N TYR E 36 -0.93 34.69 14.96
CA TYR E 36 -0.42 33.86 16.03
C TYR E 36 -0.39 34.70 17.29
N GLU E 37 -0.34 34.05 18.45
CA GLU E 37 -0.37 34.80 19.69
C GLU E 37 0.95 35.53 19.87
N ASP E 38 0.86 36.80 20.25
CA ASP E 38 2.02 37.68 20.46
C ASP E 38 2.96 37.71 19.26
N ILE E 39 2.49 37.39 18.07
CA ILE E 39 3.27 37.48 16.84
C ILE E 39 2.57 38.44 15.89
N PRO E 40 3.28 39.20 15.07
CA PRO E 40 2.61 40.11 14.14
C PRO E 40 1.68 39.35 13.19
N ALA E 41 0.71 40.10 12.67
CA ALA E 41 -0.23 39.55 11.70
C ALA E 41 0.47 39.33 10.37
N ALA E 42 0.12 38.21 9.71
CA ALA E 42 0.64 37.89 8.40
C ALA E 42 -0.52 37.57 7.47
N GLN E 43 -0.34 37.92 6.20
CA GLN E 43 -1.39 37.79 5.19
C GLN E 43 -0.77 37.21 3.94
N PHE E 44 -1.35 36.14 3.43
CA PHE E 44 -0.81 35.45 2.27
C PHE E 44 -1.89 35.44 1.20
N MET E 45 -1.61 36.10 0.08
CA MET E 45 -2.53 36.12 -1.05
C MET E 45 -2.37 34.82 -1.83
N ALA E 46 -3.50 34.17 -2.14
CA ALA E 46 -3.51 32.91 -2.87
C ALA E 46 -4.79 32.80 -3.67
N HIS E 47 -4.82 31.85 -4.59
CA HIS E 47 -6.00 31.57 -5.39
C HIS E 47 -6.87 30.54 -4.69
N LYS E 48 -8.19 30.75 -4.75
CA LYS E 48 -9.11 29.82 -4.09
C LYS E 48 -8.98 28.41 -4.67
N VAL E 49 -9.07 28.29 -6.00
CA VAL E 49 -9.12 26.97 -6.64
C VAL E 49 -7.91 26.16 -6.24
N VAL E 50 -6.72 26.76 -6.26
CA VAL E 50 -5.51 26.01 -5.99
C VAL E 50 -5.54 25.46 -4.57
N LEU E 51 -5.97 26.28 -3.63
CA LEU E 51 -5.93 25.89 -2.23
C LEU E 51 -6.86 24.71 -1.95
N ALA E 52 -7.94 24.55 -2.71
CA ALA E 52 -8.84 23.43 -2.50
C ALA E 52 -8.22 22.12 -2.98
N SER E 53 -7.42 22.17 -4.05
CA SER E 53 -6.81 20.94 -4.57
C SER E 53 -5.71 20.42 -3.66
N SER E 54 -5.04 21.32 -2.93
CA SER E 54 -3.91 20.90 -2.07
C SER E 54 -4.38 20.42 -0.70
N SER E 55 -5.48 20.96 -0.20
CA SER E 55 -5.93 20.64 1.14
C SER E 55 -7.44 20.53 1.15
N PRO E 56 -7.99 19.47 1.74
CA PRO E 56 -9.44 19.32 1.77
C PRO E 56 -10.12 20.17 2.85
N VAL E 57 -9.38 20.57 3.88
CA VAL E 57 -9.90 21.56 4.83
C VAL E 57 -10.22 22.85 4.09
N PHE E 58 -9.29 23.30 3.23
CA PHE E 58 -9.54 24.47 2.40
C PHE E 58 -10.69 24.23 1.44
N LYS E 59 -10.84 23.01 0.93
CA LYS E 59 -11.96 22.77 0.03
C LYS E 59 -13.28 23.01 0.75
N ALA E 60 -13.35 22.71 2.05
CA ALA E 60 -14.46 23.17 2.87
C ALA E 60 -14.69 24.66 2.68
N MET E 61 -13.73 25.47 3.14
CA MET E 61 -13.88 26.93 3.18
C MET E 61 -14.58 27.44 1.92
N PHE E 62 -14.04 27.12 0.74
CA PHE E 62 -14.51 27.72 -0.49
C PHE E 62 -15.63 26.95 -1.17
N THR E 63 -16.06 25.83 -0.59
CA THR E 63 -17.27 25.19 -1.10
C THR E 63 -18.51 25.75 -0.42
N ASN E 64 -18.57 25.64 0.91
CA ASN E 64 -19.78 25.95 1.67
C ASN E 64 -19.85 27.44 2.01
N GLY E 65 -20.93 27.81 2.70
CA GLY E 65 -21.19 29.21 2.96
C GLY E 65 -21.54 29.96 1.68
N LEU E 66 -21.62 31.29 1.82
CA LEU E 66 -21.89 32.14 0.65
C LEU E 66 -20.78 31.99 -0.40
N ARG E 67 -21.19 32.05 -1.67
CA ARG E 67 -20.27 31.85 -2.80
C ARG E 67 -19.14 32.87 -2.80
N GLU E 68 -19.44 34.12 -2.45
CA GLU E 68 -18.47 35.18 -2.22
C GLU E 68 -17.50 35.31 -3.42
N GLN E 69 -18.04 35.95 -4.45
CA GLN E 69 -17.27 36.33 -5.61
C GLN E 69 -16.58 37.66 -5.35
N GLY E 70 -15.36 37.80 -5.86
CA GLY E 70 -14.45 38.84 -5.41
C GLY E 70 -13.44 38.31 -4.41
N MET E 71 -12.55 39.20 -3.97
CA MET E 71 -11.53 38.85 -2.99
C MET E 71 -12.16 38.72 -1.61
N GLU E 72 -11.73 37.71 -0.85
CA GLU E 72 -12.24 37.42 0.49
C GLU E 72 -11.06 37.25 1.44
N VAL E 73 -11.11 37.90 2.61
CA VAL E 73 -10.06 37.79 3.62
C VAL E 73 -10.53 36.89 4.74
N VAL E 74 -9.69 35.91 5.10
CA VAL E 74 -10.07 34.73 5.88
C VAL E 74 -9.09 34.59 7.04
N SER E 75 -9.52 34.99 8.23
CA SER E 75 -8.69 34.82 9.42
C SER E 75 -8.20 33.39 9.51
N ILE E 76 -7.02 33.19 10.08
CA ILE E 76 -6.51 31.85 10.31
C ILE E 76 -5.78 31.83 11.65
N GLU E 77 -6.52 31.49 12.70
CA GLU E 77 -5.98 31.53 14.05
C GLU E 77 -5.14 30.30 14.34
N GLY E 78 -4.15 30.48 15.20
CA GLY E 78 -3.54 29.38 15.91
C GLY E 78 -2.54 28.53 15.16
N ILE E 79 -2.10 28.97 13.98
CA ILE E 79 -0.96 28.36 13.32
C ILE E 79 0.01 29.49 12.99
N HIS E 80 1.30 29.15 13.02
CA HIS E 80 2.35 30.12 12.76
C HIS E 80 2.45 30.44 11.26
N PRO E 81 2.80 31.69 10.91
CA PRO E 81 2.76 32.08 9.49
C PRO E 81 3.88 31.47 8.66
N LYS E 82 5.07 31.24 9.20
CA LYS E 82 6.08 30.62 8.37
C LYS E 82 5.83 29.11 8.24
N VAL E 83 5.14 28.53 9.22
CA VAL E 83 4.63 27.17 9.05
C VAL E 83 3.61 27.13 7.92
N MET E 84 2.54 27.91 8.07
CA MET E 84 1.52 28.05 7.03
C MET E 84 2.14 28.32 5.67
N GLU E 85 3.15 29.19 5.64
CA GLU E 85 3.83 29.54 4.41
C GLU E 85 4.48 28.32 3.75
N ARG E 86 5.16 27.48 4.54
CA ARG E 86 5.73 26.27 3.96
C ARG E 86 4.64 25.38 3.40
N LEU E 87 3.42 25.48 3.96
CA LEU E 87 2.29 24.67 3.49
C LEU E 87 1.66 25.25 2.24
N ILE E 88 1.61 26.57 2.12
CA ILE E 88 1.28 27.15 0.83
C ILE E 88 2.39 26.82 -0.17
N GLU E 89 3.64 26.83 0.29
CA GLU E 89 4.74 26.37 -0.55
C GLU E 89 4.56 24.91 -0.94
N PHE E 90 4.34 24.02 0.03
CA PHE E 90 4.02 22.65 -0.32
C PHE E 90 2.76 22.59 -1.18
N ALA E 91 1.80 23.47 -0.94
CA ALA E 91 0.65 23.50 -1.82
C ALA E 91 1.08 23.80 -3.26
N TYR E 92 1.90 24.84 -3.42
CA TYR E 92 2.27 25.42 -4.70
C TYR E 92 3.57 24.85 -5.27
N THR E 93 4.56 24.52 -4.44
CA THR E 93 5.82 24.05 -5.03
C THR E 93 5.80 22.55 -5.29
N ALA E 94 4.68 21.87 -5.05
CA ALA E 94 4.60 20.41 -5.04
C ALA E 94 5.55 19.81 -4.01
N SER E 95 6.25 20.66 -3.27
CA SER E 95 7.28 20.20 -2.36
C SER E 95 7.39 21.13 -1.16
N ILE E 96 7.98 20.59 -0.11
CA ILE E 96 8.23 21.30 1.14
C ILE E 96 9.60 20.89 1.66
N SER E 97 10.25 21.81 2.36
CA SER E 97 11.50 21.51 3.03
C SER E 97 11.60 22.37 4.27
N VAL E 98 11.97 21.74 5.38
CA VAL E 98 12.21 22.42 6.65
C VAL E 98 13.29 21.65 7.38
N GLY E 99 14.04 22.35 8.23
CA GLY E 99 15.01 21.68 9.07
C GLY E 99 14.32 20.83 10.13
N GLU E 100 15.01 19.77 10.56
CA GLU E 100 14.46 18.87 11.56
C GLU E 100 14.05 19.56 12.85
N LYS E 101 14.39 20.83 13.03
CA LYS E 101 13.99 21.53 14.25
C LYS E 101 12.48 21.70 14.31
N CYS E 102 11.83 21.91 13.17
CA CYS E 102 10.43 22.31 13.12
C CYS E 102 9.50 21.27 12.54
N VAL E 103 10.01 20.13 12.09
CA VAL E 103 9.19 19.14 11.38
C VAL E 103 7.95 18.77 12.18
N LEU E 104 8.02 18.88 13.51
CA LEU E 104 6.85 18.59 14.33
C LEU E 104 5.76 19.64 14.12
N HIS E 105 6.14 20.92 14.21
CA HIS E 105 5.19 21.98 13.92
C HIS E 105 4.67 21.90 12.50
N VAL E 106 5.53 21.49 11.56
CA VAL E 106 5.09 21.30 10.18
C VAL E 106 3.95 20.30 10.12
N MET E 107 4.19 19.08 10.61
CA MET E 107 3.19 18.01 10.58
C MET E 107 1.89 18.47 11.21
N ASN E 108 1.98 18.94 12.47
CA ASN E 108 0.82 19.47 13.17
C ASN E 108 0.09 20.50 12.33
N GLY E 109 0.83 21.40 11.69
CA GLY E 109 0.19 22.32 10.78
C GLY E 109 -0.51 21.61 9.65
N ALA E 110 0.16 20.62 9.05
CA ALA E 110 -0.38 19.94 7.87
C ALA E 110 -1.57 19.08 8.23
N VAL E 111 -1.61 18.56 9.46
CA VAL E 111 -2.76 17.75 9.86
C VAL E 111 -3.98 18.63 10.07
N MET E 112 -3.75 19.92 10.40
CA MET E 112 -4.84 20.85 10.58
C MET E 112 -5.56 21.14 9.28
N TYR E 113 -4.93 20.81 8.16
CA TYR E 113 -5.51 21.08 6.85
C TYR E 113 -5.74 19.81 6.06
N GLN E 114 -5.48 18.65 6.64
CA GLN E 114 -5.77 17.38 5.99
C GLN E 114 -4.89 17.18 4.78
N ILE E 115 -3.72 17.81 4.82
CA ILE E 115 -2.64 17.46 3.91
C ILE E 115 -1.92 16.29 4.54
N ASP E 116 -2.55 15.12 4.53
CA ASP E 116 -1.95 13.99 5.22
C ASP E 116 -0.68 13.51 4.54
N SER E 117 -0.48 13.81 3.25
CA SER E 117 0.70 13.30 2.54
C SER E 117 1.99 13.83 3.17
N VAL E 118 1.99 15.11 3.55
CA VAL E 118 3.13 15.69 4.26
C VAL E 118 3.08 15.34 5.74
N VAL E 119 1.90 15.03 6.26
CA VAL E 119 1.81 14.49 7.62
C VAL E 119 2.55 13.15 7.69
N ARG E 120 2.25 12.25 6.74
CA ARG E 120 2.99 11.00 6.61
C ARG E 120 4.49 11.27 6.49
N ALA E 121 4.88 11.92 5.40
CA ALA E 121 6.24 12.44 5.22
C ALA E 121 6.93 12.79 6.54
N CYS E 122 6.34 13.73 7.28
CA CYS E 122 6.92 14.12 8.55
C CYS E 122 7.08 12.93 9.49
N ALA E 123 5.97 12.24 9.77
CA ALA E 123 6.02 11.08 10.65
C ALA E 123 7.18 10.15 10.29
N ASP E 124 7.28 9.78 9.01
CA ASP E 124 8.38 8.95 8.53
C ASP E 124 9.72 9.51 8.96
N PHE E 125 9.99 10.77 8.63
CA PHE E 125 11.27 11.35 8.97
C PHE E 125 11.51 11.32 10.48
N LEU E 126 10.47 11.63 11.26
CA LEU E 126 10.64 11.59 12.71
C LEU E 126 10.91 10.17 13.18
N VAL E 127 10.39 9.17 12.46
CA VAL E 127 10.51 7.76 12.83
C VAL E 127 11.86 7.20 12.42
N GLN E 128 12.32 7.57 11.21
CA GLN E 128 13.62 7.16 10.71
C GLN E 128 14.73 7.55 11.68
N GLN E 129 14.63 8.76 12.24
CA GLN E 129 15.55 9.23 13.26
C GLN E 129 14.98 9.00 14.66
N ARG F 1 19.66 17.84 10.55
CA ARG F 1 19.34 17.44 9.19
C ARG F 1 18.27 18.36 8.62
N THR F 2 17.85 18.10 7.39
CA THR F 2 16.73 18.80 6.79
C THR F 2 15.81 17.79 6.12
N PHE F 3 14.55 17.80 6.54
CA PHE F 3 13.51 17.00 5.92
C PHE F 3 13.01 17.69 4.66
N SER F 4 13.00 16.96 3.54
CA SER F 4 12.69 17.55 2.23
C SER F 4 11.83 16.61 1.39
N TYR F 5 10.55 16.47 1.79
CA TYR F 5 9.57 15.69 1.05
C TYR F 5 9.11 16.41 -0.20
N THR F 6 8.73 15.62 -1.21
CA THR F 6 8.08 16.11 -2.42
C THR F 6 7.24 14.97 -2.98
N LEU F 7 6.01 15.27 -3.32
CA LEU F 7 5.06 14.30 -3.84
C LEU F 7 4.99 14.41 -5.36
N GLU F 8 5.39 13.35 -6.08
CA GLU F 8 5.45 13.52 -7.53
C GLU F 8 4.06 13.52 -8.17
N ASP F 9 3.12 12.77 -7.63
CA ASP F 9 1.80 12.87 -8.24
C ASP F 9 1.07 14.17 -7.88
N HIS F 10 1.64 15.02 -7.02
CA HIS F 10 0.93 16.18 -6.48
C HIS F 10 0.29 17.01 -7.59
N THR F 11 1.06 17.33 -8.63
CA THR F 11 0.51 18.21 -9.66
C THR F 11 -0.64 17.54 -10.40
N LYS F 12 -0.62 16.22 -10.52
CA LYS F 12 -1.72 15.60 -11.24
C LYS F 12 -2.89 15.34 -10.32
N GLN F 13 -2.62 15.01 -9.06
CA GLN F 13 -3.69 14.78 -8.10
C GLN F 13 -4.38 16.09 -7.72
N ALA F 14 -3.61 17.18 -7.62
CA ALA F 14 -4.21 18.49 -7.38
C ALA F 14 -4.97 18.96 -8.59
N PHE F 15 -4.42 18.79 -9.79
CA PHE F 15 -5.07 19.29 -10.99
C PHE F 15 -6.37 18.55 -11.26
N GLY F 16 -6.44 17.28 -10.92
CA GLY F 16 -7.69 16.56 -11.03
C GLY F 16 -8.81 17.22 -10.25
N VAL F 17 -8.54 17.61 -9.00
CA VAL F 17 -9.50 18.35 -8.18
C VAL F 17 -10.05 19.54 -8.95
N MET F 18 -9.16 20.38 -9.46
CA MET F 18 -9.59 21.56 -10.20
C MET F 18 -10.41 21.17 -11.42
N ASN F 19 -9.98 20.15 -12.14
CA ASN F 19 -10.80 19.65 -13.24
C ASN F 19 -12.20 19.34 -12.76
N GLU F 20 -12.31 18.71 -11.58
CA GLU F 20 -13.61 18.39 -11.00
C GLU F 20 -14.38 19.67 -10.69
N LEU F 21 -13.72 20.61 -10.00
CA LEU F 21 -14.36 21.86 -9.61
C LEU F 21 -14.82 22.66 -10.81
N ARG F 22 -14.25 22.36 -11.98
CA ARG F 22 -14.73 22.98 -13.21
C ARG F 22 -16.12 22.47 -13.59
N LEU F 23 -16.33 21.15 -13.54
CA LEU F 23 -17.65 20.61 -13.86
C LEU F 23 -18.65 20.87 -12.74
N SER F 24 -18.19 20.95 -11.50
CA SER F 24 -19.03 21.28 -10.34
C SER F 24 -19.60 22.68 -10.41
N GLN F 25 -19.22 23.49 -11.41
CA GLN F 25 -19.70 24.86 -11.55
C GLN F 25 -19.40 25.65 -10.28
N GLN F 26 -18.20 25.45 -9.75
CA GLN F 26 -17.89 25.97 -8.42
C GLN F 26 -16.52 26.64 -8.44
N LEU F 27 -16.34 27.60 -7.54
CA LEU F 27 -15.08 28.34 -7.42
C LEU F 27 -14.63 28.97 -8.75
N CYS F 28 -15.54 29.14 -9.71
CA CYS F 28 -15.21 29.64 -11.05
C CYS F 28 -15.46 31.14 -11.10
N ASP F 29 -14.40 31.92 -11.25
CA ASP F 29 -14.49 33.37 -11.25
C ASP F 29 -14.61 33.97 -12.65
N VAL F 30 -14.55 33.16 -13.71
CA VAL F 30 -14.73 33.63 -15.08
C VAL F 30 -15.66 32.67 -15.80
N THR F 31 -16.50 33.22 -16.68
CA THR F 31 -17.28 32.41 -17.60
C THR F 31 -17.02 32.90 -19.02
N LEU F 32 -16.88 31.97 -19.96
CA LEU F 32 -16.51 32.29 -21.34
C LEU F 32 -17.71 32.11 -22.25
N GLN F 33 -18.05 33.17 -22.99
CA GLN F 33 -19.16 33.16 -23.95
C GLN F 33 -18.58 32.99 -25.35
N VAL F 34 -18.97 31.91 -26.03
CA VAL F 34 -18.45 31.57 -27.35
C VAL F 34 -19.50 31.97 -28.39
N LYS F 35 -19.21 33.01 -29.18
CA LYS F 35 -20.12 33.46 -30.22
C LYS F 35 -19.58 33.05 -31.60
N TYR F 36 -19.40 31.75 -31.81
CA TYR F 36 -19.05 31.24 -33.13
C TYR F 36 -20.26 31.34 -34.06
N GLU F 37 -20.03 31.11 -35.34
CA GLU F 37 -21.10 31.24 -36.32
C GLU F 37 -22.18 30.16 -36.12
N ASP F 38 -23.45 30.60 -36.15
CA ASP F 38 -24.63 29.71 -36.02
C ASP F 38 -24.61 28.92 -34.72
N ILE F 39 -24.08 29.51 -33.66
CA ILE F 39 -23.79 28.76 -32.44
C ILE F 39 -24.26 29.58 -31.25
N PRO F 40 -24.84 28.96 -30.23
CA PRO F 40 -25.37 29.72 -29.08
C PRO F 40 -24.29 30.43 -28.29
N ALA F 41 -24.66 30.97 -27.12
CA ALA F 41 -23.67 31.56 -26.23
C ALA F 41 -22.60 30.54 -25.85
N ALA F 42 -22.98 29.27 -25.71
CA ALA F 42 -22.05 28.18 -25.39
C ALA F 42 -21.19 28.52 -24.18
N GLN F 43 -21.81 29.09 -23.15
CA GLN F 43 -21.08 29.58 -21.99
C GLN F 43 -20.38 28.42 -21.28
N PHE F 44 -19.06 28.56 -21.10
CA PHE F 44 -18.26 27.56 -20.41
C PHE F 44 -17.70 28.17 -19.13
N MET F 45 -17.84 27.44 -18.02
CA MET F 45 -17.43 27.89 -16.70
C MET F 45 -16.03 27.36 -16.42
N ALA F 46 -15.13 28.24 -15.97
CA ALA F 46 -13.77 27.85 -15.63
C ALA F 46 -13.20 28.82 -14.60
N HIS F 47 -11.98 28.55 -14.15
CA HIS F 47 -11.26 29.44 -13.25
C HIS F 47 -10.17 30.20 -14.02
N LYS F 48 -9.88 31.43 -13.60
CA LYS F 48 -8.89 32.21 -14.32
C LYS F 48 -7.49 31.63 -14.15
N VAL F 49 -7.15 31.20 -12.93
CA VAL F 49 -5.76 30.84 -12.66
C VAL F 49 -5.32 29.65 -13.49
N VAL F 50 -6.23 28.72 -13.80
CA VAL F 50 -5.82 27.54 -14.56
C VAL F 50 -5.56 27.93 -16.01
N LEU F 51 -6.52 28.63 -16.63
CA LEU F 51 -6.35 29.07 -18.01
C LEU F 51 -5.13 29.97 -18.16
N ALA F 52 -4.68 30.61 -17.08
CA ALA F 52 -3.44 31.35 -17.12
C ALA F 52 -2.25 30.40 -17.29
N SER F 53 -2.16 29.40 -16.42
CA SER F 53 -1.03 28.48 -16.47
C SER F 53 -0.90 27.80 -17.83
N SER F 54 -2.03 27.43 -18.43
CA SER F 54 -2.04 26.66 -19.66
C SER F 54 -1.90 27.52 -20.92
N SER F 55 -2.62 28.64 -21.01
CA SER F 55 -2.50 29.49 -22.19
C SER F 55 -2.05 30.89 -21.79
N PRO F 56 -0.92 31.39 -22.30
CA PRO F 56 -0.51 32.75 -21.93
C PRO F 56 -1.43 33.82 -22.49
N VAL F 57 -2.17 33.53 -23.55
CA VAL F 57 -3.12 34.51 -24.08
C VAL F 57 -4.19 34.82 -23.04
N PHE F 58 -4.74 33.77 -22.41
CA PHE F 58 -5.68 33.94 -21.31
C PHE F 58 -5.03 34.66 -20.16
N LYS F 59 -3.79 34.30 -19.85
CA LYS F 59 -3.08 34.93 -18.74
C LYS F 59 -2.99 36.44 -18.94
N ALA F 60 -2.85 36.86 -20.19
CA ALA F 60 -2.79 38.29 -20.48
C ALA F 60 -4.16 38.94 -20.27
N MET F 61 -5.22 38.32 -20.79
CA MET F 61 -6.58 38.86 -20.63
C MET F 61 -6.88 39.16 -19.17
N PHE F 62 -6.50 38.26 -18.28
CA PHE F 62 -6.85 38.39 -16.87
C PHE F 62 -5.84 39.25 -16.11
N THR F 63 -4.59 39.28 -16.57
CA THR F 63 -3.61 40.13 -15.94
C THR F 63 -3.82 41.58 -16.32
N ASN F 64 -3.94 41.86 -17.61
CA ASN F 64 -4.13 43.20 -18.12
C ASN F 64 -5.59 43.65 -17.87
N GLY F 65 -5.89 44.88 -18.28
CA GLY F 65 -7.19 45.48 -18.03
C GLY F 65 -7.56 45.36 -16.56
N LEU F 66 -6.78 46.01 -15.69
CA LEU F 66 -6.83 45.77 -14.25
C LEU F 66 -7.98 46.55 -13.61
N ARG F 67 -9.03 45.81 -13.20
CA ARG F 67 -10.13 46.25 -12.34
C ARG F 67 -11.25 45.20 -12.30
N GLU F 68 -11.32 44.36 -13.34
CA GLU F 68 -12.30 43.28 -13.45
C GLU F 68 -12.29 42.35 -12.24
N GLN F 69 -13.30 42.46 -11.36
CA GLN F 69 -13.34 41.74 -10.09
C GLN F 69 -14.59 40.86 -9.97
N GLY F 70 -14.39 39.64 -9.45
CA GLY F 70 -15.48 38.74 -9.15
C GLY F 70 -15.80 37.77 -10.27
N MET F 71 -17.09 37.49 -10.48
CA MET F 71 -17.50 36.72 -11.65
C MET F 71 -17.42 37.59 -12.89
N GLU F 72 -16.63 37.16 -13.87
CA GLU F 72 -16.43 37.90 -15.12
C GLU F 72 -16.88 37.05 -16.30
N VAL F 73 -17.46 37.69 -17.31
CA VAL F 73 -17.84 37.03 -18.56
C VAL F 73 -17.03 37.62 -19.69
N VAL F 74 -16.53 36.76 -20.58
CA VAL F 74 -15.63 37.20 -21.64
C VAL F 74 -16.14 36.65 -22.98
N SER F 75 -16.45 37.55 -23.90
CA SER F 75 -16.90 37.16 -25.22
C SER F 75 -15.76 36.51 -26.01
N ILE F 76 -16.01 35.32 -26.55
CA ILE F 76 -15.00 34.57 -27.30
C ILE F 76 -15.52 34.33 -28.71
N GLU F 77 -14.75 34.77 -29.71
CA GLU F 77 -15.14 34.66 -31.10
C GLU F 77 -14.04 33.98 -31.92
N GLY F 78 -14.46 33.40 -33.04
CA GLY F 78 -13.55 32.79 -33.97
C GLY F 78 -13.14 31.37 -33.65
N ILE F 79 -13.52 30.85 -32.49
CA ILE F 79 -13.18 29.50 -32.08
C ILE F 79 -14.45 28.69 -31.97
N HIS F 80 -14.42 27.47 -32.48
CA HIS F 80 -15.55 26.60 -32.31
C HIS F 80 -15.64 26.17 -30.84
N PRO F 81 -16.84 26.06 -30.29
CA PRO F 81 -16.96 25.67 -28.87
C PRO F 81 -16.46 24.27 -28.56
N LYS F 82 -16.68 23.30 -29.46
CA LYS F 82 -16.19 21.94 -29.20
C LYS F 82 -14.68 21.85 -29.40
N VAL F 83 -14.11 22.75 -30.19
CA VAL F 83 -12.67 22.93 -30.19
C VAL F 83 -12.24 23.64 -28.90
N MET F 84 -13.05 24.60 -28.45
CA MET F 84 -12.79 25.27 -27.18
C MET F 84 -12.80 24.27 -26.02
N GLU F 85 -13.76 23.34 -26.02
CA GLU F 85 -13.85 22.35 -24.96
C GLU F 85 -12.58 21.51 -24.90
N ARG F 86 -12.21 20.86 -26.00
CA ARG F 86 -10.94 20.13 -26.06
C ARG F 86 -9.78 20.98 -25.55
N LEU F 87 -9.81 22.29 -25.83
CA LEU F 87 -8.76 23.19 -25.39
C LEU F 87 -8.83 23.43 -23.88
N ILE F 88 -10.03 23.69 -23.36
CA ILE F 88 -10.19 23.73 -21.91
C ILE F 88 -9.86 22.37 -21.31
N GLU F 89 -10.19 21.29 -22.02
CA GLU F 89 -9.90 19.94 -21.54
C GLU F 89 -8.39 19.73 -21.42
N PHE F 90 -7.66 19.99 -22.50
CA PHE F 90 -6.21 19.94 -22.41
C PHE F 90 -5.69 20.86 -21.31
N ALA F 91 -6.38 21.98 -21.08
CA ALA F 91 -5.96 22.92 -20.04
C ALA F 91 -6.01 22.28 -18.66
N TYR F 92 -7.04 21.45 -18.42
CA TYR F 92 -7.22 20.77 -17.15
C TYR F 92 -6.69 19.34 -17.19
N THR F 93 -7.25 18.50 -18.06
CA THR F 93 -6.85 17.09 -18.13
C THR F 93 -5.36 16.91 -18.41
N ALA F 94 -4.67 17.96 -18.85
CA ALA F 94 -3.31 17.91 -19.40
C ALA F 94 -3.25 17.11 -20.68
N SER F 95 -4.39 16.80 -21.29
CA SER F 95 -4.47 15.87 -22.41
C SER F 95 -5.60 16.27 -23.33
N ILE F 96 -5.47 15.91 -24.61
CA ILE F 96 -6.49 16.21 -25.61
C ILE F 96 -6.49 15.12 -26.66
N SER F 97 -7.68 14.72 -27.10
CA SER F 97 -7.86 13.72 -28.15
C SER F 97 -8.94 14.20 -29.11
N VAL F 98 -8.66 14.07 -30.40
CA VAL F 98 -9.51 14.59 -31.47
C VAL F 98 -9.32 13.73 -32.71
N GLY F 99 -10.41 13.37 -33.37
CA GLY F 99 -10.32 12.62 -34.60
C GLY F 99 -9.57 13.38 -35.67
N GLU F 100 -9.05 12.64 -36.65
CA GLU F 100 -8.22 13.22 -37.72
C GLU F 100 -9.03 14.16 -38.61
N LYS F 101 -10.35 14.17 -38.43
CA LYS F 101 -11.22 15.07 -39.19
C LYS F 101 -10.85 16.53 -38.95
N CYS F 102 -10.75 16.94 -37.68
CA CYS F 102 -10.61 18.34 -37.33
C CYS F 102 -9.27 18.62 -36.63
N VAL F 103 -8.19 18.00 -37.10
CA VAL F 103 -6.88 18.29 -36.51
C VAL F 103 -6.51 19.75 -36.72
N LEU F 104 -6.70 20.26 -37.95
CA LEU F 104 -6.36 21.65 -38.24
C LEU F 104 -7.20 22.63 -37.40
N HIS F 105 -8.50 22.35 -37.24
CA HIS F 105 -9.36 23.29 -36.54
C HIS F 105 -8.99 23.40 -35.07
N VAL F 106 -8.56 22.28 -34.46
CA VAL F 106 -8.11 22.35 -33.07
C VAL F 106 -6.76 23.06 -32.98
N MET F 107 -5.85 22.79 -33.92
CA MET F 107 -4.59 23.51 -33.96
C MET F 107 -4.81 25.02 -33.98
N ASN F 108 -5.63 25.48 -34.91
CA ASN F 108 -5.95 26.89 -34.99
C ASN F 108 -6.61 27.37 -33.71
N GLY F 109 -7.30 26.48 -33.00
CA GLY F 109 -7.79 26.84 -31.69
C GLY F 109 -6.65 27.06 -30.71
N ALA F 110 -5.62 26.20 -30.77
CA ALA F 110 -4.51 26.31 -29.84
C ALA F 110 -3.54 27.40 -30.27
N VAL F 111 -3.42 27.64 -31.58
CA VAL F 111 -2.68 28.81 -32.06
C VAL F 111 -3.25 30.08 -31.45
N MET F 112 -4.58 30.25 -31.54
CA MET F 112 -5.25 31.44 -31.00
C MET F 112 -4.78 31.75 -29.58
N TYR F 113 -4.70 30.72 -28.73
CA TYR F 113 -4.37 30.90 -27.33
C TYR F 113 -2.93 30.52 -26.99
N GLN F 114 -2.10 30.33 -28.01
CA GLN F 114 -0.67 30.11 -27.79
C GLN F 114 -0.45 28.90 -26.89
N ILE F 115 -1.20 27.82 -27.14
CA ILE F 115 -0.89 26.55 -26.52
C ILE F 115 0.01 25.79 -27.49
N ASP F 116 1.26 26.23 -27.58
CA ASP F 116 2.15 25.68 -28.60
C ASP F 116 2.50 24.22 -28.32
N SER F 117 2.17 23.71 -27.13
CA SER F 117 2.31 22.28 -26.88
C SER F 117 1.42 21.46 -27.82
N VAL F 118 0.10 21.75 -27.81
CA VAL F 118 -0.83 21.02 -28.66
C VAL F 118 -0.79 21.54 -30.10
N VAL F 119 -0.25 22.74 -30.33
CA VAL F 119 -0.11 23.26 -31.69
C VAL F 119 0.82 22.36 -32.50
N ARG F 120 2.02 22.12 -31.97
CA ARG F 120 2.99 21.27 -32.68
C ARG F 120 2.43 19.88 -32.91
N ALA F 121 1.79 19.31 -31.88
CA ALA F 121 1.29 17.94 -31.97
C ALA F 121 0.27 17.78 -33.08
N CYS F 122 -0.50 18.84 -33.38
CA CYS F 122 -1.45 18.75 -34.48
C CYS F 122 -0.72 18.61 -35.81
N ALA F 123 0.32 19.43 -36.02
CA ALA F 123 1.07 19.37 -37.27
C ALA F 123 1.92 18.11 -37.36
N ASP F 124 2.41 17.62 -36.21
CA ASP F 124 3.12 16.35 -36.20
C ASP F 124 2.26 15.23 -36.80
N PHE F 125 1.02 15.12 -36.32
CA PHE F 125 0.14 14.10 -36.89
C PHE F 125 -0.15 14.38 -38.36
N LEU F 126 -0.18 15.66 -38.76
CA LEU F 126 -0.43 16.02 -40.14
C LEU F 126 0.74 15.71 -41.06
N VAL F 127 1.89 15.29 -40.52
CA VAL F 127 2.98 14.79 -41.34
C VAL F 127 2.61 13.43 -41.95
N GLN F 128 2.20 12.49 -41.10
CA GLN F 128 1.74 11.21 -41.62
C GLN F 128 0.32 11.30 -42.16
N GLN F 129 -0.56 12.06 -41.49
CA GLN F 129 -1.96 12.17 -41.91
C GLN F 129 -2.12 12.92 -43.23
N LEU F 130 -1.07 13.58 -43.71
CA LEU F 130 -1.13 14.27 -44.99
C LEU F 130 0.12 13.96 -45.82
N SER G 4 15.10 66.96 -32.08
CA SER G 4 13.70 66.57 -32.31
C SER G 4 13.54 65.89 -33.67
N TYR G 5 14.06 64.67 -33.82
CA TYR G 5 14.07 63.98 -35.10
C TYR G 5 13.42 62.61 -34.99
N THR G 6 12.42 62.38 -35.84
CA THR G 6 11.77 61.09 -36.02
C THR G 6 12.61 60.23 -36.94
N LEU G 7 12.45 58.91 -36.86
CA LEU G 7 13.27 58.04 -37.71
C LEU G 7 12.44 57.42 -38.83
N GLU G 8 11.94 58.29 -39.70
CA GLU G 8 11.19 57.87 -40.86
C GLU G 8 11.87 56.68 -41.53
N ASP G 9 11.14 55.57 -41.62
CA ASP G 9 11.68 54.35 -42.18
C ASP G 9 12.96 53.97 -41.42
N HIS G 10 14.11 54.03 -42.09
CA HIS G 10 15.38 53.58 -41.53
C HIS G 10 15.36 52.08 -41.26
N THR G 11 14.41 51.63 -40.43
CA THR G 11 14.42 50.24 -39.97
C THR G 11 14.23 49.28 -41.13
N LYS G 12 13.28 49.56 -42.03
CA LYS G 12 12.96 48.61 -43.09
C LYS G 12 14.16 48.37 -43.99
N GLN G 13 14.88 49.44 -44.36
CA GLN G 13 16.03 49.26 -45.22
C GLN G 13 17.29 48.95 -44.44
N ALA G 14 17.38 49.39 -43.18
CA ALA G 14 18.54 49.01 -42.38
C ALA G 14 18.58 47.50 -42.15
N PHE G 15 17.42 46.85 -42.11
CA PHE G 15 17.39 45.39 -42.01
C PHE G 15 17.99 44.75 -43.27
N GLY G 16 17.60 45.25 -44.44
CA GLY G 16 18.17 44.75 -45.67
C GLY G 16 19.69 44.88 -45.71
N VAL G 17 20.24 45.87 -45.00
CA VAL G 17 21.69 46.02 -44.90
C VAL G 17 22.30 44.80 -44.23
N MET G 18 21.73 44.40 -43.09
CA MET G 18 22.16 43.17 -42.44
C MET G 18 21.83 41.97 -43.29
N ASN G 19 20.76 42.04 -44.09
CA ASN G 19 20.50 40.99 -45.06
C ASN G 19 21.57 40.97 -46.16
N GLU G 20 22.13 42.14 -46.51
CA GLU G 20 23.20 42.20 -47.49
C GLU G 20 24.55 41.84 -46.88
N LEU G 21 24.68 41.94 -45.56
CA LEU G 21 25.90 41.51 -44.90
C LEU G 21 26.06 39.99 -45.01
N ARG G 22 24.97 39.25 -44.81
CA ARG G 22 25.00 37.80 -44.91
C ARG G 22 25.00 37.30 -46.35
N LEU G 23 24.50 38.11 -47.29
CA LEU G 23 24.66 37.76 -48.71
C LEU G 23 26.12 37.55 -49.05
N SER G 24 26.99 38.40 -48.52
CA SER G 24 28.44 38.26 -48.63
C SER G 24 29.04 37.50 -47.46
N GLN G 25 28.22 37.15 -46.46
CA GLN G 25 28.61 36.30 -45.33
C GLN G 25 29.74 36.95 -44.53
N GLN G 26 29.50 38.17 -44.08
CA GLN G 26 30.47 38.91 -43.28
C GLN G 26 29.90 39.20 -41.90
N LEU G 27 30.69 38.90 -40.86
CA LEU G 27 30.36 39.20 -39.47
C LEU G 27 29.08 38.52 -39.01
N CYS G 28 28.83 37.30 -39.49
CA CYS G 28 27.75 36.45 -39.01
C CYS G 28 28.39 35.31 -38.21
N ASP G 29 28.23 35.35 -36.89
CA ASP G 29 28.83 34.32 -36.04
C ASP G 29 28.15 32.98 -36.24
N VAL G 30 26.83 32.97 -36.42
CA VAL G 30 26.11 31.73 -36.70
C VAL G 30 26.38 31.32 -38.15
N THR G 31 26.27 30.01 -38.41
CA THR G 31 26.46 29.49 -39.76
C THR G 31 25.69 28.19 -39.94
N HIS G 47 23.80 36.23 -39.08
CA HIS G 47 24.20 36.88 -37.83
C HIS G 47 23.32 36.45 -36.68
N LYS G 48 23.93 35.82 -35.68
CA LYS G 48 23.20 35.42 -34.47
C LYS G 48 22.32 36.55 -33.97
N VAL G 49 22.80 37.78 -34.13
CA VAL G 49 22.16 38.95 -33.54
C VAL G 49 20.86 39.29 -34.26
N VAL G 50 20.78 39.02 -35.57
CA VAL G 50 19.55 39.23 -36.33
C VAL G 50 18.65 38.01 -36.25
N LEU G 51 19.24 36.82 -36.25
CA LEU G 51 18.49 35.61 -35.94
C LEU G 51 17.84 35.73 -34.58
N ALA G 52 18.60 36.20 -33.58
CA ALA G 52 18.04 36.37 -32.25
C ALA G 52 17.02 37.50 -32.20
N SER G 53 17.12 38.47 -33.11
CA SER G 53 16.15 39.56 -33.16
C SER G 53 14.76 39.05 -33.51
N SER G 54 14.66 37.85 -34.08
CA SER G 54 13.41 37.30 -34.59
C SER G 54 12.82 36.20 -33.68
N SER G 55 13.67 35.43 -33.01
CA SER G 55 13.22 34.26 -32.23
C SER G 55 13.77 34.31 -30.81
N PRO G 56 12.92 34.43 -29.78
CA PRO G 56 13.44 34.33 -28.41
C PRO G 56 13.93 32.93 -28.07
N VAL G 57 13.60 31.92 -28.88
CA VAL G 57 14.13 30.58 -28.68
C VAL G 57 15.56 30.47 -29.23
N PHE G 58 15.79 31.05 -30.41
CA PHE G 58 17.16 31.24 -30.90
C PHE G 58 17.97 32.09 -29.92
N LYS G 59 17.34 33.14 -29.39
CA LYS G 59 17.96 34.01 -28.40
C LYS G 59 18.39 33.24 -27.17
N ALA G 60 17.53 32.34 -26.69
CA ALA G 60 17.78 31.59 -25.48
C ALA G 60 19.04 30.74 -25.61
N MET G 61 19.17 30.03 -26.74
CA MET G 61 20.35 29.19 -26.99
C MET G 61 21.62 30.03 -27.04
N PHE G 62 21.50 31.29 -27.44
CA PHE G 62 22.66 32.19 -27.48
C PHE G 62 22.94 32.81 -26.12
N THR G 63 21.89 33.11 -25.32
CA THR G 63 22.10 33.61 -23.97
C THR G 63 22.92 32.62 -23.12
N ASN G 64 22.39 31.41 -22.91
CA ASN G 64 23.05 30.44 -22.04
C ASN G 64 24.35 29.92 -22.66
N GLY G 65 25.39 29.85 -21.82
CA GLY G 65 26.68 29.35 -22.27
C GLY G 65 27.35 30.28 -23.25
N VAL G 74 25.52 25.98 -35.54
CA VAL G 74 24.77 24.84 -35.05
C VAL G 74 23.95 24.24 -36.18
N SER G 75 24.05 22.92 -36.36
CA SER G 75 23.43 22.24 -37.50
C SER G 75 21.92 22.08 -37.31
N ILE G 76 21.52 21.49 -36.18
CA ILE G 76 20.11 21.28 -35.84
C ILE G 76 19.41 20.49 -36.94
N GLU G 77 19.45 19.15 -36.86
CA GLU G 77 18.76 18.31 -37.82
C GLU G 77 17.24 18.36 -37.59
N GLY G 78 16.50 17.78 -38.53
CA GLY G 78 15.05 17.82 -38.48
C GLY G 78 14.40 18.94 -39.25
N ILE G 79 15.14 19.65 -40.10
CA ILE G 79 14.65 20.78 -40.89
C ILE G 79 13.43 20.39 -41.71
N GLU G 85 15.93 26.87 -44.65
CA GLU G 85 16.66 27.92 -45.33
C GLU G 85 15.72 29.09 -45.61
N ARG G 86 14.45 28.76 -45.89
CA ARG G 86 13.45 29.80 -46.16
C ARG G 86 13.22 30.68 -44.93
N LEU G 87 12.90 30.05 -43.80
CA LEU G 87 12.65 30.78 -42.57
C LEU G 87 13.73 31.81 -42.25
N ILE G 88 15.01 31.48 -42.53
CA ILE G 88 16.08 32.46 -42.34
C ILE G 88 15.74 33.76 -43.04
N GLU G 89 15.37 33.67 -44.33
CA GLU G 89 14.99 34.85 -45.11
C GLU G 89 13.92 35.65 -44.39
N PHE G 90 12.85 34.97 -43.94
CA PHE G 90 11.72 35.66 -43.35
C PHE G 90 12.13 36.48 -42.13
N ALA G 91 13.13 36.02 -41.38
CA ALA G 91 13.64 36.81 -40.26
C ALA G 91 14.15 38.16 -40.74
N TYR G 92 15.02 38.13 -41.74
CA TYR G 92 15.57 39.35 -42.31
C TYR G 92 14.55 40.06 -43.18
N THR G 93 13.97 39.37 -44.17
CA THR G 93 13.30 40.03 -45.29
C THR G 93 11.84 40.38 -45.04
N ALA G 94 11.31 40.09 -43.86
CA ALA G 94 9.93 40.26 -43.45
C ALA G 94 9.02 39.28 -44.17
N SER G 95 9.46 38.64 -45.26
CA SER G 95 8.57 37.90 -46.14
C SER G 95 9.06 36.48 -46.40
N ILE G 96 8.12 35.52 -46.46
CA ILE G 96 8.49 34.16 -46.82
C ILE G 96 7.47 33.58 -47.79
N SER G 97 7.98 33.00 -48.87
CA SER G 97 7.18 32.43 -49.93
C SER G 97 7.58 30.99 -50.11
N VAL G 98 6.61 30.10 -49.99
CA VAL G 98 6.89 28.67 -49.96
C VAL G 98 5.71 27.87 -50.49
N GLY G 99 5.87 27.28 -51.67
CA GLY G 99 4.81 26.48 -52.29
C GLY G 99 4.16 25.44 -51.40
N GLU G 100 2.99 24.93 -51.83
CA GLU G 100 2.27 23.95 -51.01
C GLU G 100 3.09 22.73 -50.70
N LYS G 101 4.31 22.61 -51.27
CA LYS G 101 5.24 21.56 -50.91
C LYS G 101 5.60 21.64 -49.44
N CYS G 102 5.99 22.83 -48.97
CA CYS G 102 6.45 22.94 -47.59
C CYS G 102 5.34 23.44 -46.66
N VAL G 103 4.89 24.70 -46.80
CA VAL G 103 3.81 25.30 -46.03
C VAL G 103 3.77 24.87 -44.57
N LEU G 104 3.54 23.58 -44.32
CA LEU G 104 3.50 23.08 -42.96
C LEU G 104 4.90 22.98 -42.37
N HIS G 105 5.89 22.57 -43.16
CA HIS G 105 7.28 22.55 -42.72
C HIS G 105 7.62 23.89 -42.08
N VAL G 106 7.13 24.97 -42.68
CA VAL G 106 7.41 26.30 -42.17
C VAL G 106 6.75 26.51 -40.81
N MET G 107 5.57 25.94 -40.61
CA MET G 107 4.92 26.07 -39.30
C MET G 107 5.74 25.39 -38.21
N ASN G 108 6.59 24.43 -38.58
CA ASN G 108 7.35 23.64 -37.61
C ASN G 108 8.34 24.52 -36.86
N GLY G 109 9.43 24.89 -37.54
CA GLY G 109 10.38 25.84 -36.99
C GLY G 109 9.73 27.09 -36.45
N ALA G 110 8.56 27.45 -36.97
CA ALA G 110 7.84 28.63 -36.52
C ALA G 110 7.63 28.65 -35.01
N VAL G 111 6.71 27.83 -34.52
CA VAL G 111 6.48 27.73 -33.08
C VAL G 111 7.74 27.25 -32.37
N MET G 112 8.48 26.31 -32.98
CA MET G 112 9.78 25.91 -32.46
C MET G 112 10.59 27.09 -31.95
N TYR G 113 10.57 28.20 -32.67
CA TYR G 113 11.34 29.39 -32.32
C TYR G 113 10.45 30.58 -32.00
N GLN G 114 9.18 30.32 -31.66
CA GLN G 114 8.22 31.35 -31.24
C GLN G 114 8.02 32.42 -32.32
N ILE G 115 8.07 32.01 -33.58
CA ILE G 115 7.75 32.87 -34.71
C ILE G 115 6.26 32.67 -35.03
N ASP G 116 5.40 32.96 -34.05
CA ASP G 116 3.96 32.74 -34.23
C ASP G 116 3.36 33.60 -35.33
N SER G 117 4.12 34.55 -35.86
CA SER G 117 3.64 35.37 -36.98
C SER G 117 3.32 34.50 -38.18
N VAL G 118 4.25 33.62 -38.57
CA VAL G 118 3.98 32.73 -39.68
C VAL G 118 2.99 31.64 -39.27
N VAL G 119 2.99 31.29 -37.98
CA VAL G 119 2.02 30.31 -37.48
C VAL G 119 0.60 30.77 -37.78
N ARG G 120 0.27 32.00 -37.39
CA ARG G 120 -1.05 32.53 -37.74
C ARG G 120 -1.22 32.67 -39.25
N ALA G 121 -0.13 32.98 -39.96
CA ALA G 121 -0.22 33.20 -41.40
C ALA G 121 -0.59 31.91 -42.14
N CYS G 122 0.17 30.83 -41.91
CA CYS G 122 -0.09 29.57 -42.61
C CYS G 122 -1.39 28.94 -42.14
N ALA G 123 -1.67 29.02 -40.84
CA ALA G 123 -2.91 28.44 -40.32
C ALA G 123 -4.12 29.06 -41.00
N ASP G 124 -4.14 30.40 -41.05
CA ASP G 124 -5.22 31.10 -41.77
C ASP G 124 -5.23 30.70 -43.24
N PHE G 125 -4.05 30.59 -43.85
CA PHE G 125 -3.99 30.15 -45.24
C PHE G 125 -4.47 28.72 -45.37
N LEU G 126 -4.07 27.84 -44.44
CA LEU G 126 -4.53 26.46 -44.48
C LEU G 126 -6.04 26.37 -44.25
N VAL G 127 -6.62 27.27 -43.44
CA VAL G 127 -8.04 27.22 -43.16
C VAL G 127 -8.84 27.85 -44.29
N GLN G 128 -8.38 29.00 -44.80
CA GLN G 128 -8.96 29.59 -46.00
C GLN G 128 -8.80 28.67 -47.22
N GLN G 129 -7.81 27.78 -47.21
CA GLN G 129 -7.63 26.76 -48.25
C GLN G 129 -8.00 25.35 -47.75
N ARG H 1 29.21 1.71 -30.29
CA ARG H 1 30.01 0.54 -29.94
C ARG H 1 31.04 0.92 -28.87
N THR H 2 31.12 0.12 -27.79
CA THR H 2 32.09 0.35 -26.73
C THR H 2 32.58 -0.98 -26.20
N PHE H 3 33.83 -1.30 -26.45
CA PHE H 3 34.41 -2.48 -25.86
C PHE H 3 34.50 -2.32 -24.34
N SER H 4 34.45 -3.46 -23.65
CA SER H 4 34.44 -3.51 -22.20
C SER H 4 35.45 -4.56 -21.78
N TYR H 5 36.55 -4.12 -21.18
CA TYR H 5 37.62 -5.04 -20.82
C TYR H 5 37.27 -5.78 -19.55
N THR H 6 37.54 -7.09 -19.56
CA THR H 6 37.33 -7.96 -18.41
C THR H 6 38.65 -8.67 -18.13
N LEU H 7 39.19 -8.48 -16.93
CA LEU H 7 40.44 -9.12 -16.52
C LEU H 7 40.08 -10.28 -15.60
N GLU H 8 39.92 -11.47 -16.19
CA GLU H 8 39.63 -12.62 -15.35
C GLU H 8 40.72 -12.84 -14.32
N ASP H 9 41.97 -12.47 -14.63
CA ASP H 9 43.06 -12.83 -13.73
C ASP H 9 43.09 -11.97 -12.49
N HIS H 10 42.49 -10.78 -12.52
CA HIS H 10 42.59 -9.90 -11.37
C HIS H 10 41.96 -10.54 -10.16
N THR H 11 40.95 -11.39 -10.39
CA THR H 11 40.31 -12.09 -9.30
C THR H 11 41.35 -12.93 -8.54
N LYS H 12 42.01 -13.85 -9.26
CA LYS H 12 43.07 -14.64 -8.64
C LYS H 12 44.21 -13.76 -8.19
N GLN H 13 44.51 -12.71 -8.96
CA GLN H 13 45.58 -11.79 -8.59
C GLN H 13 45.24 -11.01 -7.33
N ALA H 14 43.99 -10.55 -7.21
CA ALA H 14 43.62 -9.86 -5.99
C ALA H 14 43.58 -10.80 -4.80
N PHE H 15 43.33 -12.10 -5.03
CA PHE H 15 43.33 -13.08 -3.94
C PHE H 15 44.75 -13.42 -3.50
N GLY H 16 45.74 -13.22 -4.37
CA GLY H 16 47.12 -13.29 -3.93
C GLY H 16 47.50 -12.10 -3.09
N VAL H 17 46.75 -11.00 -3.23
CA VAL H 17 47.01 -9.81 -2.42
C VAL H 17 46.44 -9.99 -1.01
N MET H 18 45.19 -10.49 -0.91
CA MET H 18 44.56 -10.65 0.40
C MET H 18 45.25 -11.72 1.23
N ASN H 19 45.87 -12.71 0.58
CA ASN H 19 46.62 -13.73 1.29
C ASN H 19 47.77 -13.10 2.10
N GLU H 20 48.56 -12.23 1.46
CA GLU H 20 49.62 -11.54 2.18
C GLU H 20 49.08 -10.38 3.01
N LEU H 21 47.85 -9.95 2.70
CA LEU H 21 47.10 -9.03 3.56
C LEU H 21 46.75 -9.67 4.89
N ARG H 22 46.56 -11.00 4.90
CA ARG H 22 46.27 -11.71 6.15
C ARG H 22 47.51 -11.76 7.05
N LEU H 23 48.68 -11.89 6.44
CA LEU H 23 49.92 -11.85 7.22
C LEU H 23 50.24 -10.44 7.71
N SER H 24 49.60 -9.41 7.13
CA SER H 24 49.77 -8.02 7.55
C SER H 24 48.95 -7.64 8.77
N GLN H 25 48.08 -8.53 9.23
CA GLN H 25 47.25 -8.34 10.40
C GLN H 25 46.41 -7.07 10.28
N GLN H 26 45.59 -7.03 9.22
CA GLN H 26 44.70 -5.92 8.94
C GLN H 26 43.27 -6.40 8.70
N LEU H 27 42.32 -5.54 9.06
CA LEU H 27 40.87 -5.72 8.89
C LEU H 27 40.38 -7.16 9.04
N GLN H 43 38.30 -12.96 18.74
CA GLN H 43 39.70 -13.33 18.80
C GLN H 43 40.44 -12.80 17.57
N PHE H 44 40.79 -13.69 16.64
CA PHE H 44 41.49 -13.29 15.43
C PHE H 44 40.56 -12.46 14.55
N MET H 45 41.11 -11.47 13.87
CA MET H 45 40.27 -10.56 13.10
C MET H 45 40.71 -10.51 11.64
N ALA H 46 40.66 -11.65 10.95
CA ALA H 46 40.99 -11.65 9.54
C ALA H 46 39.80 -11.10 8.72
N HIS H 47 40.09 -10.76 7.46
CA HIS H 47 39.14 -10.06 6.60
C HIS H 47 37.87 -10.87 6.37
N LYS H 48 36.84 -10.63 7.19
CA LYS H 48 35.60 -11.41 7.21
C LYS H 48 34.88 -11.39 5.85
N VAL H 49 35.36 -10.56 4.93
CA VAL H 49 34.77 -10.48 3.60
C VAL H 49 35.04 -11.76 2.80
N VAL H 50 36.31 -12.17 2.72
CA VAL H 50 36.65 -13.35 1.96
C VAL H 50 36.26 -14.63 2.70
N LEU H 51 36.09 -14.57 4.03
CA LEU H 51 35.46 -15.69 4.71
C LEU H 51 33.99 -15.80 4.31
N ALA H 52 33.31 -14.65 4.21
CA ALA H 52 31.94 -14.65 3.73
C ALA H 52 31.86 -14.92 2.23
N SER H 53 32.98 -14.82 1.52
CA SER H 53 33.03 -15.16 0.11
C SER H 53 33.27 -16.65 -0.13
N SER H 54 33.54 -17.42 0.93
CA SER H 54 33.85 -18.83 0.82
C SER H 54 32.90 -19.75 1.59
N SER H 55 32.33 -19.30 2.71
CA SER H 55 31.45 -20.11 3.56
C SER H 55 30.10 -19.42 3.76
N PRO H 56 28.96 -20.00 3.36
CA PRO H 56 27.68 -19.31 3.59
C PRO H 56 27.32 -19.26 5.06
N VAL H 57 27.94 -20.08 5.89
CA VAL H 57 27.66 -20.06 7.32
C VAL H 57 28.24 -18.80 7.96
N PHE H 58 29.50 -18.49 7.67
CA PHE H 58 30.08 -17.24 8.15
C PHE H 58 29.23 -16.05 7.74
N LYS H 59 28.78 -16.03 6.47
CA LYS H 59 28.04 -14.89 5.94
C LYS H 59 26.80 -14.56 6.79
N ALA H 60 26.06 -15.60 7.21
CA ALA H 60 24.87 -15.38 8.01
C ALA H 60 25.19 -15.08 9.48
N MET H 61 26.38 -15.46 9.95
CA MET H 61 26.81 -15.09 11.30
C MET H 61 27.13 -13.60 11.37
N PHE H 62 27.64 -13.04 10.27
CA PHE H 62 27.95 -11.61 10.19
C PHE H 62 26.68 -10.76 10.14
N THR H 63 25.70 -11.17 9.32
CA THR H 63 24.48 -10.39 9.11
C THR H 63 23.53 -10.38 10.30
N ASN H 64 23.85 -11.09 11.37
CA ASN H 64 22.98 -11.25 12.53
C ASN H 64 22.51 -9.92 13.12
N GLY H 78 39.47 -20.78 19.02
CA GLY H 78 38.34 -21.68 18.83
C GLY H 78 38.66 -23.06 19.34
N ILE H 79 37.82 -23.56 20.25
CA ILE H 79 38.03 -24.87 20.84
C ILE H 79 37.21 -25.95 20.14
N HIS H 80 36.13 -25.57 19.46
CA HIS H 80 35.32 -26.58 18.76
C HIS H 80 36.11 -27.31 17.69
N PRO H 81 36.81 -26.66 16.75
CA PRO H 81 37.70 -27.42 15.87
C PRO H 81 39.15 -27.26 16.24
N LYS H 82 40.06 -27.85 15.46
CA LYS H 82 41.49 -27.66 15.63
C LYS H 82 42.15 -27.65 14.25
N VAL H 83 43.34 -27.04 14.21
CA VAL H 83 44.19 -26.99 13.02
C VAL H 83 43.48 -26.24 11.88
N MET H 84 42.79 -25.16 12.22
CA MET H 84 42.08 -24.38 11.21
C MET H 84 43.02 -23.53 10.35
N GLU H 85 44.33 -23.61 10.59
CA GLU H 85 45.29 -22.76 9.87
C GLU H 85 45.38 -23.15 8.40
N ARG H 86 45.14 -24.43 8.09
CA ARG H 86 45.24 -24.88 6.71
C ARG H 86 43.96 -24.55 5.94
N LEU H 87 42.83 -24.46 6.64
CA LEU H 87 41.61 -23.96 6.02
C LEU H 87 41.70 -22.48 5.72
N ILE H 88 42.46 -21.72 6.51
CA ILE H 88 42.64 -20.31 6.19
C ILE H 88 43.33 -20.17 4.84
N GLU H 89 44.31 -21.03 4.56
CA GLU H 89 44.92 -21.09 3.24
C GLU H 89 43.84 -21.19 2.17
N PHE H 90 43.04 -22.23 2.27
CA PHE H 90 41.92 -22.49 1.37
C PHE H 90 41.03 -21.27 1.19
N ALA H 91 40.77 -20.55 2.27
CA ALA H 91 39.99 -19.32 2.16
C ALA H 91 40.70 -18.33 1.24
N TYR H 92 41.93 -17.94 1.59
CA TYR H 92 42.71 -16.96 0.81
C TYR H 92 43.50 -17.65 -0.30
N THR H 93 44.60 -18.33 0.05
CA THR H 93 45.45 -18.96 -0.96
C THR H 93 44.69 -19.97 -1.78
N ALA H 94 43.70 -20.62 -1.16
CA ALA H 94 42.78 -21.52 -1.85
C ALA H 94 43.48 -22.82 -2.25
N SER H 95 43.87 -23.56 -1.21
CA SER H 95 44.47 -24.87 -1.39
C SER H 95 44.85 -25.48 -0.05
N ILE H 96 44.94 -26.80 0.00
CA ILE H 96 45.31 -27.52 1.22
C ILE H 96 46.05 -28.80 0.83
N SER H 97 47.13 -29.08 1.56
CA SER H 97 47.86 -30.33 1.47
C SER H 97 48.39 -30.62 2.85
N VAL H 98 47.79 -31.58 3.53
CA VAL H 98 48.09 -31.83 4.93
C VAL H 98 48.24 -33.32 5.14
N GLY H 99 48.44 -33.70 6.41
CA GLY H 99 48.45 -35.09 6.77
C GLY H 99 47.04 -35.64 6.90
N GLU H 100 46.93 -36.96 6.70
CA GLU H 100 45.63 -37.60 6.56
C GLU H 100 44.76 -37.46 7.80
N LYS H 101 45.37 -37.33 8.98
CA LYS H 101 44.61 -37.17 10.21
C LYS H 101 43.62 -36.01 10.10
N CYS H 102 44.03 -34.91 9.44
CA CYS H 102 43.20 -33.72 9.36
C CYS H 102 42.14 -33.83 8.27
N VAL H 103 42.30 -34.77 7.32
CA VAL H 103 41.34 -34.94 6.24
C VAL H 103 39.93 -34.93 6.80
N LEU H 104 39.71 -35.66 7.88
CA LEU H 104 38.40 -35.69 8.50
C LEU H 104 38.14 -34.43 9.31
N HIS H 105 39.14 -34.01 10.11
CA HIS H 105 38.96 -32.83 10.95
C HIS H 105 38.69 -31.58 10.11
N VAL H 106 39.05 -31.59 8.82
CA VAL H 106 38.69 -30.48 7.94
C VAL H 106 37.18 -30.40 7.80
N MET H 107 36.58 -31.47 7.26
CA MET H 107 35.13 -31.56 7.13
C MET H 107 34.42 -31.29 8.46
N ASN H 108 35.12 -31.42 9.58
CA ASN H 108 34.55 -31.13 10.89
C ASN H 108 34.03 -29.70 10.94
N GLY H 109 34.93 -28.73 10.74
CA GLY H 109 34.50 -27.34 10.65
C GLY H 109 34.00 -26.97 9.27
N ALA H 110 34.54 -27.59 8.23
CA ALA H 110 34.11 -27.25 6.87
C ALA H 110 32.61 -27.47 6.71
N VAL H 111 32.12 -28.64 7.13
CA VAL H 111 30.69 -28.91 7.13
C VAL H 111 29.97 -27.98 8.10
N MET H 112 30.64 -27.59 9.18
CA MET H 112 30.06 -26.63 10.13
C MET H 112 29.96 -25.24 9.50
N TYR H 113 30.93 -24.87 8.66
CA TYR H 113 30.90 -23.60 7.96
C TYR H 113 30.21 -23.71 6.61
N GLN H 114 29.63 -24.87 6.29
CA GLN H 114 28.99 -25.15 5.00
C GLN H 114 29.98 -25.05 3.84
N ILE H 115 31.25 -25.38 4.10
CA ILE H 115 32.23 -25.45 3.01
C ILE H 115 32.22 -26.88 2.51
N ASP H 116 31.09 -27.30 1.94
CA ASP H 116 30.94 -28.67 1.49
C ASP H 116 31.82 -28.98 0.29
N SER H 117 32.40 -27.95 -0.33
CA SER H 117 33.19 -28.11 -1.55
C SER H 117 34.52 -28.80 -1.26
N VAL H 118 35.20 -28.39 -0.18
CA VAL H 118 36.38 -29.12 0.27
C VAL H 118 35.96 -30.44 0.91
N VAL H 119 34.78 -30.48 1.53
CA VAL H 119 34.29 -31.72 2.12
C VAL H 119 34.08 -32.77 1.04
N ARG H 120 33.66 -32.35 -0.15
CA ARG H 120 33.46 -33.29 -1.25
C ARG H 120 34.75 -34.01 -1.60
N ALA H 121 35.82 -33.26 -1.90
CA ALA H 121 37.09 -33.92 -2.19
C ALA H 121 37.66 -34.61 -0.96
N CYS H 122 37.45 -34.02 0.22
CA CYS H 122 37.87 -34.67 1.47
C CYS H 122 37.30 -36.08 1.55
N ALA H 123 36.00 -36.21 1.31
CA ALA H 123 35.38 -37.54 1.28
C ALA H 123 35.91 -38.35 0.12
N ASP H 124 35.93 -37.76 -1.09
CA ASP H 124 36.44 -38.45 -2.26
C ASP H 124 37.86 -38.96 -2.06
N PHE H 125 38.62 -38.32 -1.18
CA PHE H 125 39.94 -38.86 -0.84
C PHE H 125 39.81 -40.16 -0.07
N LEU H 126 38.95 -40.16 0.94
CA LEU H 126 38.76 -41.34 1.76
C LEU H 126 38.21 -42.53 0.96
N VAL H 127 37.65 -42.29 -0.23
CA VAL H 127 37.23 -43.37 -1.12
C VAL H 127 38.43 -44.12 -1.68
N GLN H 128 39.61 -43.50 -1.73
CA GLN H 128 40.83 -44.20 -2.13
C GLN H 128 41.20 -45.33 -1.18
N GLN H 129 40.60 -45.38 0.01
CA GLN H 129 40.88 -46.45 0.99
C GLN H 129 39.62 -47.03 1.62
C18 A1L9B I . 29.22 -52.80 0.66
C16 A1L9B I . 30.40 -52.43 -0.16
C15 A1L9B I . 32.36 -50.47 -1.67
C19 A1L9B I . 28.07 -52.11 0.54
C20 A1L9B I . 27.77 -51.45 -0.80
C21 A1L9B I . 27.24 -52.51 -1.76
C22 A1L9B I . 26.76 -50.29 -0.68
C23 A1L9B I . 25.63 -50.59 0.29
C24 A1L9B I . 26.19 -50.86 1.67
C34 A1L9B I . 26.33 -53.45 1.58
C27 A1L9B I . 24.90 -49.28 3.09
C33 A1L9B I . 27.08 -52.11 1.72
C31 A1L9B I . 26.84 -51.87 4.19
C38 A1L9B I . 28.37 -52.71 -5.56
C37 A1L9B I . 30.55 -52.08 -4.53
C35 A1L9B I . 27.27 -52.11 5.34
C32 A1L9B I . 27.79 -52.06 3.05
C29 A1L9B I . 25.59 -51.40 4.04
C28 A1L9B I . 23.74 -51.35 2.35
C26 A1L9B I . 25.10 -50.75 2.75
C1 A1L9B I . 34.53 -49.27 -2.01
C10 A1L9B I . 29.37 -49.61 -0.55
C11 A1L9B I . 30.13 -51.88 -1.54
C13 A1L9B I . 31.39 -51.45 -2.34
C2 A1L9B I . 33.71 -50.52 -2.36
C3 A1L9B I . 34.39 -51.76 -1.82
C4 A1L9B I . 33.55 -50.59 -3.87
C5 A1L9B I . 32.18 -50.16 -4.39
C6 A1L9B I . 31.00 -50.87 -3.71
C7 A1L9B I . 29.87 -49.86 -3.61
C8 A1L9B I . 28.66 -50.36 -2.82
C9 A1L9B I . 29.01 -50.83 -1.41
N40 A1L9B I . 27.60 -52.48 6.39
O17 A1L9B I . 31.55 -52.61 0.25
O30 A1L9B I . 24.75 -51.48 5.06
O36 A1L9B I . 29.58 -51.95 -5.61
O38 A1L9B I . 30.99 -53.19 -4.27
C18 A1L9B J . 8.33 -0.12 23.35
C16 A1L9B J . 9.47 0.00 22.42
C15 A1L9B J . 11.05 1.04 19.93
C19 A1L9B J . 7.11 -0.46 22.92
C20 A1L9B J . 6.96 -1.11 21.55
C21 A1L9B J . 7.31 -2.58 21.71
C22 A1L9B J . 5.51 -1.09 21.07
C23 A1L9B J . 4.55 -1.40 22.21
C24 A1L9B J . 4.62 -0.18 23.13
C34 A1L9B J . 6.06 -1.42 24.88
C27 A1L9B J . 2.33 0.82 23.11
C33 A1L9B J . 5.95 -0.25 23.88
C31 A1L9B J . 4.92 1.65 25.21
C38 A1L9B J . 9.03 -4.52 19.22
C37 A1L9B J . 10.34 -2.47 18.63
C35 A1L9B J . 5.02 2.75 25.81
C32 A1L9B J . 6.20 1.09 24.55
C29 A1L9B J . 3.75 1.04 25.15
C28 A1L9B J . 2.75 -1.10 24.65
C26 A1L9B J . 3.37 0.13 24.00
C1 A1L9B J . 12.58 2.36 18.43
C10 A1L9B J . 7.55 1.06 20.39
C11 A1L9B J . 9.34 -0.66 21.06
C13 A1L9B J . 10.51 -0.40 20.06
C2 A1L9B J . 12.43 1.08 19.23
C3 A1L9B J . 13.53 0.98 20.27
C4 A1L9B J . 12.54 -0.09 18.25
C5 A1L9B J . 11.17 -0.39 17.64
C6 A1L9B J . 10.20 -0.95 18.66
C7 A1L9B J . 8.79 -0.59 18.21
C8 A1L9B J . 7.73 -1.07 19.18
C9 A1L9B J . 7.90 -0.42 20.55
N40 A1L9B J . 5.11 3.79 26.30
O17 A1L9B J . 10.48 0.56 22.78
O30 A1L9B J . 2.81 1.23 26.09
O36 A1L9B J . 9.76 -3.37 19.63
O38 A1L9B J . 10.97 -2.99 17.71
C18 A1L9B K . -15.87 -15.65 14.59
C16 A1L9B K . -17.26 -15.64 14.10
C15 A1L9B K . -19.66 -17.53 13.56
C19 A1L9B K . -14.85 -16.10 13.84
C20 A1L9B K . -15.09 -16.68 12.47
C21 A1L9B K . -14.92 -15.55 11.47
C22 A1L9B K . -14.06 -17.75 12.10
C23 A1L9B K . -12.66 -17.21 12.33
C24 A1L9B K . -12.51 -17.00 13.83
C34 A1L9B K . -13.09 -14.46 14.09
C27 A1L9B K . -10.37 -18.24 14.01
C33 A1L9B K . -13.44 -15.92 14.41
C31 A1L9B K . -12.00 -16.12 16.40
C38 A1L9B K . -17.67 -14.41 9.61
C37 A1L9B K . -19.38 -16.16 10.08
C35 A1L9B K . -11.82 -15.68 17.55
C32 A1L9B K . -13.40 -16.14 15.90
C29 A1L9B K . -10.96 -16.54 15.68
C28 A1L9B K . -10.24 -15.88 13.39
C26 A1L9B K . -11.04 -16.90 14.21
C1 A1L9B K . -21.82 -18.43 14.38
C10 A1L9B K . -16.55 -18.53 13.22
C11 A1L9B K . -17.55 -16.22 12.74
C13 A1L9B K . -19.04 -16.61 12.53
C2 A1L9B K . -21.17 -17.40 13.46
C3 A1L9B K . -21.50 -16.00 13.91
C4 A1L9B K . -21.64 -17.56 12.03
C5 A1L9B K . -20.56 -18.03 11.08
C6 A1L9B K . -19.27 -17.22 11.15
C7 A1L9B K . -18.15 -18.15 10.75
C8 A1L9B K . -16.75 -17.56 10.92
C9 A1L9B K . -16.49 -17.26 12.37
N40 A1L9B K . -11.67 -15.27 18.64
O17 A1L9B K . -18.15 -15.12 14.77
O30 A1L9B K . -9.74 -16.57 16.26
O36 A1L9B K . -18.86 -14.83 10.29
O38 A1L9B K . -19.91 -16.45 9.01
C18 A1L9B L . 11.23 27.96 14.47
C16 A1L9B L . 10.71 27.73 15.84
C15 A1L9B L . 8.77 26.83 18.14
C19 A1L9B L . 10.39 28.16 13.44
C20 A1L9B L . 9.05 28.85 13.76
C21 A1L9B L . 9.30 30.33 13.98
C22 A1L9B L . 8.02 28.69 12.64
C23 A1L9B L . 8.64 28.63 11.25
C24 A1L9B L . 9.62 27.48 11.15
C34 A1L9B L . 11.64 29.03 11.57
C27 A1L9B L . 9.03 25.92 9.31
C33 A1L9B L . 10.85 27.78 12.03
C31 A1L9B L . 12.04 26.09 10.64
C38 A1L9B L . 9.01 32.04 19.39
C37 A1L9B L . 7.69 30.48 17.95
C35 A1L9B L . 12.89 25.18 10.44
C32 A1L9B L . 11.73 26.54 12.05
C29 A1L9B L . 11.41 26.64 9.61
C28 A1L9B L . 9.75 28.19 8.70
C26 A1L9B L . 9.96 27.08 9.71
C1 A1L9B L . 8.17 25.45 20.14
C10 A1L9B L . 8.05 26.83 14.83
C11 A1L9B L . 9.44 28.49 16.21
C13 A1L9B L . 8.89 28.28 17.66
C2 A1L9B L . 8.77 26.78 19.66
C3 A1L9B L . 10.22 26.84 20.13
C4 A1L9B L . 7.98 27.97 20.21
C5 A1L9B L . 6.93 28.50 19.23
C6 A1L9B L . 7.53 28.96 17.90
C7 A1L9B L . 6.59 28.64 16.75
C8 A1L9B L . 7.17 29.07 15.40
C9 A1L9B L . 8.44 28.30 15.06
N40 A1L9B L . 13.68 24.35 10.20
O17 A1L9B L . 11.31 26.97 16.58
O30 A1L9B L . 12.08 26.75 8.44
O36 A1L9B L . 8.95 31.08 18.35
O38 A1L9B L . 6.76 31.24 17.66
C18 A1L9B M . -16.44 18.73 -36.90
C16 A1L9B M . -16.30 19.68 -38.03
C15 A1L9B M . -15.29 21.83 -39.96
C19 A1L9B M . -15.99 19.07 -35.69
C20 A1L9B M . -16.13 20.53 -35.31
C21 A1L9B M . -17.62 20.75 -35.08
C22 A1L9B M . -15.40 20.90 -34.02
C23 A1L9B M . -15.36 19.74 -33.02
C24 A1L9B M . -14.58 18.62 -33.68
C34 A1L9B M . -16.66 17.23 -34.24
C27 A1L9B M . -12.62 18.33 -32.22
C33 A1L9B M . -15.44 17.98 -34.78
C31 A1L9B M . -13.80 16.07 -34.66
C38 A1L9B M . -19.56 23.89 -36.86
C37 A1L9B M . -17.49 24.34 -38.24
C35 A1L9B M . -13.37 15.00 -35.16
C32 A1L9B M . -14.56 17.01 -35.56
C29 A1L9B M . -13.51 16.34 -33.38
C28 A1L9B M . -14.73 17.34 -31.46
C26 A1L9B M . -13.89 17.64 -32.69
C1 A1L9B M . -14.54 22.36 -42.27
C10 A1L9B M . -14.17 21.21 -36.69
C11 A1L9B M . -16.48 21.15 -37.71
C13 A1L9B M . -16.33 22.17 -38.88
C2 A1L9B M . -15.69 22.50 -41.28
C3 A1L9B M . -16.90 21.79 -41.85
C4 A1L9B M . -15.99 23.98 -41.00
C5 A1L9B M . -15.49 24.44 -39.62
C6 A1L9B M . -16.16 23.66 -38.49
C7 A1L9B M . -15.34 23.83 -37.20
C8 A1L9B M . -15.85 22.91 -36.08
C9 A1L9B M . -15.65 21.43 -36.45
N40 A1L9B M . -12.96 14.05 -35.66
O17 A1L9B M . -16.09 19.24 -39.14
O30 A1L9B M . -12.93 15.39 -32.65
O36 A1L9B M . -18.70 23.56 -37.95
O38 A1L9B M . -17.56 25.56 -38.28
#